data_4JO2
#
_entry.id   4JO2
#
_cell.length_a   69.840
_cell.length_b   74.350
_cell.length_c   84.960
_cell.angle_alpha   90.00
_cell.angle_beta   90.00
_cell.angle_gamma   90.00
#
_symmetry.space_group_name_H-M   'P 1 21 1'
#
loop_
_entity.id
_entity.type
_entity.pdbx_description
1 polymer 'monoclonal anti-HIV-1 gp120 V3 antibody R56 light chain'
2 polymer 'monoclonal anti-HIV-1 gp120 V3 antibody R56 heavy chain'
3 polymer gp120
4 non-polymer 'CALCIUM ION'
5 water water
#
loop_
_entity_poly.entity_id
_entity_poly.type
_entity_poly.pdbx_seq_one_letter_code
_entity_poly.pdbx_strand_id
1 'polypeptide(L)'
;QVLTQTPSSVSTAVGSAVTINCQSSQNVYSNNNLAWFQQKPGQPPRLLIYDASKLASGVPSRFKGSGSGTQFTFTISDVQ
CDDAATFYCLGGYDCSSGDCAAFGGGTEVVVRGDPVAPTVLIFPPAADQVATGTVTIVCVANKYFPDVTVTWEVDGTTQT
TGIENSKTPQNSADCTYNLSSTLTLTSTQYNSHKEYTCKVTQGTTSVVQSFNRGDC
;
L,M
2 'polypeptide(L)'
;QSLEESGGDLVQPGASLTLTCKASGFSFGNNYDMCWVRQAPGKGLEWIGCIETGSSDSAAYATWAKGRFTISKTSSTTVT
LQMTSLTAADTATYFCARNFDLWGPGTLVIVSSGQPKAPSVFPLAPCCGDTPSSTVTLGCLVKGYLPEPVTVTWNSGTLT
NGVRTFPSVRQSSGLYSLSSVVSVTSSSQPVTCNVAHPATNTKVDKTVAP
;
H,I
3 'polypeptide(L)' NNTRKSIRIGPGQAFYATGDIIG P,Q
#
loop_
_chem_comp.id
_chem_comp.type
_chem_comp.name
_chem_comp.formula
CA non-polymer 'CALCIUM ION' 'Ca 2'
#
# COMPACT_ATOMS: atom_id res chain seq x y z
N GLN A 1 -51.35 7.90 -2.48
CA GLN A 1 -50.19 7.18 -3.01
C GLN A 1 -49.20 6.92 -1.92
N VAL A 2 -49.07 5.64 -1.56
CA VAL A 2 -48.05 5.19 -0.64
C VAL A 2 -47.36 3.97 -1.22
N LEU A 3 -46.06 4.08 -1.42
CA LEU A 3 -45.26 2.95 -1.86
C LEU A 3 -44.66 2.23 -0.65
N THR A 4 -44.99 0.95 -0.50
CA THR A 4 -44.47 0.14 0.62
C THR A 4 -43.34 -0.77 0.14
N GLN A 5 -42.13 -0.54 0.68
CA GLN A 5 -40.98 -1.35 0.29
C GLN A 5 -40.60 -2.31 1.41
N THR A 6 -40.40 -3.58 1.08
CA THR A 6 -39.91 -4.61 2.01
C THR A 6 -38.88 -5.56 1.37
N PRO A 7 -37.89 -6.02 2.15
CA PRO A 7 -37.70 -5.68 3.57
C PRO A 7 -37.04 -4.33 3.76
N SER A 8 -36.98 -3.90 5.02
CA SER A 8 -36.30 -2.68 5.38
C SER A 8 -34.81 -2.92 5.33
N SER A 9 -34.40 -4.17 5.52
CA SER A 9 -33.00 -4.54 5.32
C SER A 9 -32.82 -6.03 5.11
N VAL A 10 -31.63 -6.39 4.65
CA VAL A 10 -31.26 -7.78 4.39
C VAL A 10 -29.75 -7.89 4.27
N SER A 11 -29.20 -8.92 4.91
CA SER A 11 -27.81 -9.31 4.73
C SER A 11 -27.78 -10.49 3.75
N THR A 12 -26.80 -10.49 2.84
CA THR A 12 -26.66 -11.53 1.82
C THR A 12 -25.21 -11.67 1.35
N ALA A 13 -24.80 -12.89 0.98
CA ALA A 13 -23.40 -13.14 0.68
C ALA A 13 -23.00 -12.71 -0.73
N VAL A 14 -21.70 -12.65 -0.98
CA VAL A 14 -21.20 -12.48 -2.33
C VAL A 14 -21.50 -13.73 -3.15
N GLY A 15 -21.93 -13.54 -4.39
CA GLY A 15 -22.23 -14.66 -5.25
C GLY A 15 -23.70 -15.03 -5.20
N SER A 16 -24.47 -14.37 -4.34
CA SER A 16 -25.87 -14.71 -4.19
C SER A 16 -26.73 -13.82 -5.07
N ALA A 17 -28.02 -14.15 -5.14
CA ALA A 17 -29.00 -13.26 -5.73
C ALA A 17 -29.89 -12.75 -4.60
N VAL A 18 -30.43 -11.55 -4.76
CA VAL A 18 -31.22 -10.91 -3.70
C VAL A 18 -32.46 -10.16 -4.24
N THR A 19 -33.57 -10.27 -3.52
CA THR A 19 -34.85 -9.77 -3.99
C THR A 19 -35.49 -8.73 -3.05
N ILE A 20 -35.95 -7.63 -3.63
CA ILE A 20 -36.57 -6.53 -2.89
C ILE A 20 -37.97 -6.32 -3.49
N ASN A 21 -38.95 -5.95 -2.65
CA ASN A 21 -40.32 -5.89 -3.10
C ASN A 21 -41.02 -4.55 -2.84
N CYS A 22 -41.84 -4.13 -3.79
CA CYS A 22 -42.52 -2.85 -3.68
C CYS A 22 -44.00 -2.96 -3.98
N GLN A 23 -44.82 -2.45 -3.08
CA GLN A 23 -46.24 -2.63 -3.22
C GLN A 23 -46.99 -1.30 -3.07
N SER A 24 -47.86 -1.02 -4.04
CA SER A 24 -48.47 0.30 -4.14
C SER A 24 -49.96 0.30 -3.82
N SER A 25 -50.39 1.30 -3.06
CA SER A 25 -51.81 1.50 -2.70
C SER A 25 -52.73 1.83 -3.88
N GLN A 26 -52.16 2.33 -4.97
CA GLN A 26 -52.91 2.56 -6.21
C GLN A 26 -52.01 2.18 -7.39
N ASN A 27 -52.58 1.87 -8.54
CA ASN A 27 -51.79 1.57 -9.74
C ASN A 27 -50.93 2.76 -10.12
N VAL A 28 -49.67 2.49 -10.44
CA VAL A 28 -48.79 3.54 -10.95
C VAL A 28 -49.22 3.93 -12.36
N TYR A 29 -48.87 5.15 -12.75
CA TYR A 29 -49.29 5.71 -14.02
C TYR A 29 -48.97 4.81 -15.22
N SER A 30 -50.00 4.51 -15.99
CA SER A 30 -49.89 3.67 -17.18
C SER A 30 -49.50 2.23 -16.82
N ASN A 31 -49.66 1.90 -15.55
CA ASN A 31 -49.33 0.58 -15.01
C ASN A 31 -47.84 0.27 -14.93
N ASN A 32 -46.98 1.22 -15.30
CA ASN A 32 -45.55 0.91 -15.35
C ASN A 32 -44.59 2.05 -14.94
N ASN A 33 -45.12 3.22 -14.65
CA ASN A 33 -44.26 4.33 -14.25
C ASN A 33 -43.69 4.00 -12.86
N LEU A 34 -42.62 3.21 -12.85
CA LEU A 34 -42.02 2.69 -11.62
C LEU A 34 -40.53 2.51 -11.83
N ALA A 35 -39.71 2.88 -10.86
CA ALA A 35 -38.27 2.89 -11.08
C ALA A 35 -37.43 2.47 -9.86
N TRP A 36 -36.17 2.10 -10.09
CA TRP A 36 -35.30 1.61 -9.01
C TRP A 36 -33.95 2.32 -8.91
N PHE A 37 -33.55 2.67 -7.68
CA PHE A 37 -32.37 3.47 -7.42
C PHE A 37 -31.41 2.82 -6.43
N GLN A 38 -30.13 3.12 -6.56
CA GLN A 38 -29.15 2.74 -5.58
C GLN A 38 -28.54 4.01 -5.04
N GLN A 39 -28.32 4.06 -3.73
CA GLN A 39 -27.67 5.22 -3.13
C GLN A 39 -26.70 4.81 -2.03
N LYS A 40 -25.43 5.13 -2.23
CA LYS A 40 -24.42 4.96 -1.19
C LYS A 40 -24.30 6.26 -0.38
N PRO A 41 -23.76 6.18 0.86
CA PRO A 41 -23.76 7.33 1.76
C PRO A 41 -22.98 8.53 1.24
N GLY A 42 -23.65 9.67 1.14
CA GLY A 42 -23.00 10.89 0.73
C GLY A 42 -23.05 11.14 -0.76
N GLN A 43 -23.67 10.20 -1.48
CA GLN A 43 -23.87 10.37 -2.91
C GLN A 43 -25.35 10.64 -3.15
N PRO A 44 -25.67 11.19 -4.32
CA PRO A 44 -27.09 11.24 -4.67
C PRO A 44 -27.53 9.90 -5.26
N PRO A 45 -28.83 9.62 -5.20
CA PRO A 45 -29.36 8.39 -5.80
C PRO A 45 -28.93 8.27 -7.27
N ARG A 46 -28.99 7.04 -7.78
CA ARG A 46 -28.58 6.70 -9.13
C ARG A 46 -29.69 5.85 -9.78
N LEU A 47 -30.06 6.17 -11.01
CA LEU A 47 -31.13 5.42 -11.67
C LEU A 47 -30.59 4.09 -12.20
N LEU A 48 -31.28 3.01 -11.88
CA LEU A 48 -30.89 1.68 -12.35
C LEU A 48 -31.91 1.14 -13.34
N ILE A 49 -33.18 1.30 -12.99
CA ILE A 49 -34.28 0.74 -13.76
C ILE A 49 -35.45 1.72 -13.82
N TYR A 50 -36.04 1.88 -15.00
CA TYR A 50 -37.27 2.67 -15.16
C TYR A 50 -38.28 1.93 -16.07
N ASP A 51 -39.51 2.43 -16.09
CA ASP A 51 -40.63 1.75 -16.77
C ASP A 51 -40.75 0.31 -16.30
N ALA A 52 -40.57 0.11 -14.99
CA ALA A 52 -40.65 -1.19 -14.32
C ALA A 52 -39.49 -2.17 -14.61
N SER A 53 -38.97 -2.17 -15.83
CA SER A 53 -37.94 -3.16 -16.20
C SER A 53 -36.94 -2.75 -17.29
N LYS A 54 -36.83 -1.46 -17.61
CA LYS A 54 -35.80 -1.05 -18.56
C LYS A 54 -34.54 -0.68 -17.82
N LEU A 55 -33.41 -1.19 -18.30
CA LEU A 55 -32.14 -0.82 -17.73
C LEU A 55 -31.78 0.55 -18.21
N ALA A 56 -31.47 1.45 -17.29
CA ALA A 56 -30.92 2.75 -17.66
C ALA A 56 -29.55 2.48 -18.28
N SER A 57 -29.08 3.41 -19.11
CA SER A 57 -27.83 3.19 -19.84
C SER A 57 -26.56 3.17 -18.98
N GLY A 58 -25.73 2.16 -19.22
CA GLY A 58 -24.47 2.01 -18.50
C GLY A 58 -24.63 1.12 -17.29
N VAL A 59 -25.89 0.78 -16.98
CA VAL A 59 -26.23 -0.07 -15.84
C VAL A 59 -26.20 -1.55 -16.25
N PRO A 60 -25.39 -2.36 -15.53
CA PRO A 60 -25.21 -3.80 -15.79
C PRO A 60 -26.49 -4.65 -15.70
N SER A 61 -26.54 -5.70 -16.52
CA SER A 61 -27.70 -6.58 -16.69
C SER A 61 -28.05 -7.44 -15.47
N ARG A 62 -27.14 -7.56 -14.51
CA ARG A 62 -27.41 -8.35 -13.33
C ARG A 62 -28.45 -7.67 -12.43
N PHE A 63 -28.70 -6.39 -12.70
CA PHE A 63 -29.84 -5.71 -12.12
C PHE A 63 -31.06 -5.94 -13.01
N LYS A 64 -32.14 -6.36 -12.37
CA LYS A 64 -33.33 -6.80 -13.07
C LYS A 64 -34.55 -6.48 -12.22
N GLY A 65 -35.51 -5.79 -12.82
CA GLY A 65 -36.79 -5.55 -12.18
C GLY A 65 -37.93 -6.03 -13.04
N SER A 66 -39.08 -6.31 -12.43
CA SER A 66 -40.29 -6.71 -13.14
C SER A 66 -41.52 -6.31 -12.33
N GLY A 67 -42.70 -6.50 -12.90
CA GLY A 67 -43.94 -6.23 -12.18
C GLY A 67 -44.91 -5.37 -12.96
N SER A 68 -46.03 -5.02 -12.34
CA SER A 68 -47.10 -4.32 -13.04
C SER A 68 -48.17 -3.77 -12.08
N GLY A 69 -48.67 -2.57 -12.34
CA GLY A 69 -49.80 -2.05 -11.57
C GLY A 69 -49.52 -1.66 -10.13
N THR A 70 -49.63 -2.61 -9.19
CA THR A 70 -49.35 -2.32 -7.78
C THR A 70 -48.25 -3.16 -7.14
N GLN A 71 -47.72 -4.13 -7.87
CA GLN A 71 -46.74 -5.07 -7.35
C GLN A 71 -45.49 -5.19 -8.23
N PHE A 72 -44.32 -4.95 -7.63
CA PHE A 72 -43.05 -4.89 -8.35
C PHE A 72 -41.92 -5.53 -7.55
N THR A 73 -40.96 -6.14 -8.24
CA THR A 73 -39.80 -6.74 -7.58
C THR A 73 -38.50 -6.36 -8.25
N PHE A 74 -37.45 -6.31 -7.45
CA PHE A 74 -36.12 -5.94 -7.91
C PHE A 74 -35.19 -7.05 -7.49
N THR A 75 -34.46 -7.59 -8.45
CA THR A 75 -33.49 -8.64 -8.18
C THR A 75 -32.08 -8.27 -8.66
N ILE A 76 -31.12 -8.39 -7.74
CA ILE A 76 -29.72 -8.28 -8.08
C ILE A 76 -29.13 -9.67 -8.18
N SER A 77 -28.54 -9.97 -9.34
CA SER A 77 -27.90 -11.25 -9.55
C SER A 77 -26.43 -11.16 -9.24
N ASP A 78 -25.89 -12.23 -8.68
CA ASP A 78 -24.45 -12.37 -8.47
C ASP A 78 -23.92 -11.16 -7.69
N VAL A 79 -24.34 -11.07 -6.44
CA VAL A 79 -24.03 -9.91 -5.59
C VAL A 79 -22.53 -9.71 -5.37
N GLN A 80 -22.10 -8.45 -5.36
CA GLN A 80 -20.73 -8.13 -4.98
C GLN A 80 -20.69 -6.97 -3.99
N CYS A 81 -19.51 -6.73 -3.43
CA CYS A 81 -19.31 -5.72 -2.41
C CYS A 81 -19.72 -4.31 -2.82
N ASP A 82 -19.51 -3.99 -4.11
CA ASP A 82 -19.87 -2.70 -4.69
C ASP A 82 -21.39 -2.42 -4.62
N ASP A 83 -22.17 -3.48 -4.38
CA ASP A 83 -23.62 -3.38 -4.38
C ASP A 83 -24.16 -2.88 -3.05
N ALA A 84 -23.37 -3.05 -1.99
CA ALA A 84 -23.73 -2.63 -0.64
C ALA A 84 -24.13 -1.19 -0.71
N ALA A 85 -25.37 -0.92 -0.38
CA ALA A 85 -25.95 0.41 -0.54
C ALA A 85 -27.39 0.37 -0.02
N THR A 86 -28.11 1.48 -0.13
CA THR A 86 -29.53 1.45 0.13
C THR A 86 -30.30 1.63 -1.19
N PHE A 87 -31.36 0.85 -1.37
CA PHE A 87 -32.13 0.88 -2.62
C PHE A 87 -33.54 1.42 -2.41
N TYR A 88 -34.03 2.19 -3.39
CA TYR A 88 -35.38 2.75 -3.35
C TYR A 88 -36.15 2.48 -4.62
N CYS A 89 -37.45 2.29 -4.47
CA CYS A 89 -38.34 2.32 -5.63
C CYS A 89 -39.03 3.67 -5.68
N LEU A 90 -39.33 4.12 -6.88
CA LEU A 90 -40.05 5.38 -7.05
C LEU A 90 -41.31 5.19 -7.89
N GLY A 91 -42.44 5.62 -7.35
CA GLY A 91 -43.72 5.48 -8.01
C GLY A 91 -44.18 6.79 -8.62
N GLY A 92 -44.66 6.73 -9.87
CA GLY A 92 -45.18 7.88 -10.56
C GLY A 92 -46.67 7.72 -10.82
N TYR A 93 -47.44 8.73 -10.47
CA TYR A 93 -48.90 8.59 -10.46
C TYR A 93 -49.63 9.64 -11.29
N ASP A 94 -50.92 9.37 -11.49
CA ASP A 94 -51.87 10.25 -12.13
C ASP A 94 -52.06 11.54 -11.32
N CYS A 95 -51.45 12.63 -11.79
CA CYS A 95 -51.50 13.92 -11.11
C CYS A 95 -52.91 14.44 -10.81
N SER A 96 -53.89 13.95 -11.55
CA SER A 96 -55.27 14.44 -11.43
C SER A 96 -56.09 13.77 -10.31
N SER A 97 -55.67 12.58 -9.89
CA SER A 97 -56.38 11.83 -8.86
C SER A 97 -55.70 11.89 -7.49
N GLY A 98 -54.56 12.57 -7.42
CA GLY A 98 -53.80 12.68 -6.18
C GLY A 98 -52.42 13.24 -6.42
N ASP A 99 -51.44 12.79 -5.64
CA ASP A 99 -50.06 13.23 -5.77
C ASP A 99 -49.33 12.54 -6.95
N CYS A 100 -48.35 13.25 -7.53
CA CYS A 100 -47.64 12.78 -8.72
C CYS A 100 -46.60 11.66 -8.48
N ALA A 101 -46.12 11.55 -7.25
CA ALA A 101 -45.07 10.57 -6.97
C ALA A 101 -44.97 10.20 -5.50
N ALA A 102 -44.42 9.01 -5.26
CA ALA A 102 -44.06 8.59 -3.93
C ALA A 102 -42.86 7.65 -3.98
N PHE A 103 -41.84 8.00 -3.22
CA PHE A 103 -40.69 7.12 -2.97
C PHE A 103 -41.05 5.99 -2.00
N GLY A 104 -40.59 4.79 -2.30
CA GLY A 104 -40.59 3.68 -1.34
C GLY A 104 -39.66 4.01 -0.17
N GLY A 105 -39.82 3.29 0.92
CA GLY A 105 -39.10 3.58 2.16
C GLY A 105 -37.64 3.16 2.26
N GLY A 106 -37.13 2.44 1.25
CA GLY A 106 -35.74 2.01 1.22
C GLY A 106 -35.44 0.63 1.80
N THR A 107 -34.52 -0.09 1.15
CA THR A 107 -33.99 -1.34 1.72
C THR A 107 -32.50 -1.15 1.89
N GLU A 108 -31.99 -1.42 3.09
CA GLU A 108 -30.55 -1.43 3.28
C GLU A 108 -30.01 -2.83 2.93
N VAL A 109 -29.07 -2.89 1.99
CA VAL A 109 -28.44 -4.16 1.66
C VAL A 109 -27.00 -4.24 2.17
N VAL A 110 -26.70 -5.32 2.90
CA VAL A 110 -25.38 -5.57 3.46
C VAL A 110 -24.81 -6.81 2.79
N VAL A 111 -23.61 -6.72 2.22
CA VAL A 111 -23.02 -7.85 1.52
C VAL A 111 -21.99 -8.61 2.39
N ARG A 112 -22.13 -9.92 2.49
CA ARG A 112 -21.18 -10.72 3.28
C ARG A 112 -20.03 -11.31 2.44
N GLY A 113 -18.81 -10.81 2.65
CA GLY A 113 -17.64 -11.29 1.95
C GLY A 113 -16.68 -12.13 2.80
N ASP A 114 -15.46 -12.30 2.33
CA ASP A 114 -14.47 -13.07 3.07
C ASP A 114 -14.18 -12.43 4.43
N PRO A 115 -14.21 -13.24 5.50
CA PRO A 115 -13.81 -12.77 6.83
C PRO A 115 -12.37 -12.25 6.87
N VAL A 116 -12.18 -11.02 7.32
CA VAL A 116 -10.84 -10.49 7.54
C VAL A 116 -10.73 -9.94 8.94
N ALA A 117 -9.61 -10.18 9.61
CA ALA A 117 -9.43 -9.74 10.99
C ALA A 117 -8.86 -8.31 11.08
N PRO A 118 -9.30 -7.54 12.09
CA PRO A 118 -8.91 -6.14 12.30
C PRO A 118 -7.49 -5.92 12.83
N THR A 119 -6.87 -4.82 12.43
CA THR A 119 -5.76 -4.26 13.18
C THR A 119 -6.34 -3.08 13.95
N VAL A 120 -5.78 -2.79 15.12
CA VAL A 120 -6.28 -1.72 15.97
C VAL A 120 -5.16 -0.75 16.33
N LEU A 121 -5.48 0.55 16.30
CA LEU A 121 -4.54 1.58 16.71
C LEU A 121 -5.17 2.40 17.82
N ILE A 122 -4.33 2.88 18.74
CA ILE A 122 -4.83 3.77 19.78
C ILE A 122 -4.06 5.10 19.77
N PHE A 123 -4.78 6.21 19.95
CA PHE A 123 -4.16 7.54 19.95
C PHE A 123 -4.39 8.25 21.27
N PRO A 124 -3.32 8.50 22.03
CA PRO A 124 -3.46 9.22 23.31
C PRO A 124 -3.69 10.72 23.04
N PRO A 125 -4.31 11.43 24.00
CA PRO A 125 -4.72 12.83 23.86
C PRO A 125 -3.62 13.79 23.44
N ALA A 126 -3.91 14.69 22.51
CA ALA A 126 -3.00 15.77 22.16
C ALA A 126 -2.82 16.68 23.37
N ALA A 127 -1.70 17.40 23.41
CA ALA A 127 -1.33 18.18 24.61
C ALA A 127 -2.27 19.32 24.95
N ASP A 128 -2.88 19.92 23.92
CA ASP A 128 -3.77 21.05 24.14
C ASP A 128 -5.15 20.63 24.61
N GLN A 129 -5.39 19.31 24.64
CA GLN A 129 -6.67 18.79 25.11
C GLN A 129 -6.93 19.05 26.59
N VAL A 130 -6.04 18.57 27.44
CA VAL A 130 -6.28 18.51 28.88
C VAL A 130 -6.44 19.88 29.53
N ALA A 131 -6.02 20.93 28.83
CA ALA A 131 -6.16 22.28 29.36
C ALA A 131 -7.56 22.82 29.07
N THR A 132 -8.40 22.01 28.43
CA THR A 132 -9.75 22.43 28.06
C THR A 132 -10.79 21.95 29.07
N GLY A 133 -10.44 20.96 29.89
CA GLY A 133 -11.35 20.42 30.87
C GLY A 133 -11.91 19.05 30.50
N THR A 134 -12.07 18.81 29.19
CA THR A 134 -12.56 17.53 28.69
C THR A 134 -11.50 16.85 27.82
N VAL A 135 -11.38 15.55 27.96
CA VAL A 135 -10.41 14.78 27.19
C VAL A 135 -11.06 13.64 26.39
N THR A 136 -10.57 13.43 25.17
CA THR A 136 -11.09 12.39 24.29
C THR A 136 -9.94 11.51 23.83
N ILE A 137 -10.13 10.20 23.92
CA ILE A 137 -9.13 9.26 23.44
C ILE A 137 -9.72 8.52 22.25
N VAL A 138 -8.94 8.33 21.20
CA VAL A 138 -9.44 7.71 19.97
C VAL A 138 -8.88 6.31 19.75
N CYS A 139 -9.76 5.35 19.48
CA CYS A 139 -9.34 4.00 19.10
C CYS A 139 -9.91 3.66 17.71
N VAL A 140 -9.07 3.09 16.85
CA VAL A 140 -9.45 2.84 15.46
C VAL A 140 -9.30 1.37 15.07
N ALA A 141 -10.36 0.78 14.53
CA ALA A 141 -10.28 -0.60 14.06
C ALA A 141 -10.37 -0.65 12.53
N ASN A 142 -9.35 -1.22 11.88
CA ASN A 142 -9.22 -1.18 10.42
C ASN A 142 -9.47 -2.47 9.64
N LYS A 143 -10.19 -2.32 8.51
CA LYS A 143 -10.23 -3.32 7.42
C LYS A 143 -10.67 -4.73 7.84
N TYR A 144 -11.79 -4.83 8.57
CA TYR A 144 -12.28 -6.08 9.13
C TYR A 144 -13.65 -6.54 8.58
N PHE A 145 -13.98 -7.81 8.82
CA PHE A 145 -15.31 -8.35 8.57
C PHE A 145 -15.42 -9.74 9.19
N PRO A 146 -16.51 -10.02 9.92
CA PRO A 146 -17.69 -9.18 10.13
C PRO A 146 -17.55 -8.23 11.30
N ASP A 147 -18.66 -7.65 11.72
CA ASP A 147 -18.71 -6.63 12.77
C ASP A 147 -17.97 -7.04 14.01
N VAL A 148 -17.39 -6.05 14.70
CA VAL A 148 -16.65 -6.29 15.92
C VAL A 148 -17.33 -5.62 17.09
N THR A 149 -16.75 -5.80 18.27
CA THR A 149 -17.27 -5.24 19.52
C THR A 149 -16.13 -4.52 20.22
N VAL A 150 -16.44 -3.44 20.95
CA VAL A 150 -15.40 -2.64 21.56
C VAL A 150 -15.65 -2.38 23.05
N THR A 151 -14.65 -2.66 23.86
CA THR A 151 -14.72 -2.33 25.27
C THR A 151 -13.59 -1.38 25.64
N TRP A 152 -13.90 -0.36 26.44
CA TRP A 152 -12.87 0.50 26.99
C TRP A 152 -12.53 0.06 28.41
N GLU A 153 -11.24 0.01 28.70
CA GLU A 153 -10.75 -0.34 30.04
C GLU A 153 -9.83 0.71 30.63
N VAL A 154 -10.23 1.24 31.79
CA VAL A 154 -9.41 2.18 32.55
C VAL A 154 -8.89 1.54 33.84
N ASP A 155 -7.61 1.18 33.82
CA ASP A 155 -6.95 0.50 34.94
C ASP A 155 -7.66 -0.79 35.33
N GLY A 156 -7.89 -1.65 34.34
CA GLY A 156 -8.53 -2.94 34.59
C GLY A 156 -10.05 -2.91 34.64
N THR A 157 -10.61 -1.74 34.96
CA THR A 157 -12.06 -1.56 35.07
C THR A 157 -12.67 -1.39 33.68
N THR A 158 -13.99 -1.53 33.56
CA THR A 158 -14.66 -1.37 32.27
C THR A 158 -15.54 -0.11 32.26
N GLN A 159 -15.47 0.65 31.16
CA GLN A 159 -16.23 1.89 31.01
C GLN A 159 -17.67 1.66 30.55
N THR A 160 -18.60 2.44 31.11
CA THR A 160 -19.99 2.32 30.68
C THR A 160 -20.50 3.62 30.08
N THR A 161 -19.82 4.73 30.35
CA THR A 161 -20.31 6.01 29.88
C THR A 161 -19.20 6.89 29.27
N GLY A 162 -19.56 7.65 28.25
CA GLY A 162 -18.62 8.50 27.54
C GLY A 162 -18.03 7.89 26.26
N ILE A 163 -18.56 6.74 25.86
CA ILE A 163 -18.06 6.04 24.69
C ILE A 163 -18.87 6.41 23.47
N GLU A 164 -18.22 6.44 22.33
CA GLU A 164 -18.88 6.76 21.08
C GLU A 164 -18.27 5.97 19.92
N ASN A 165 -19.11 5.39 19.08
CA ASN A 165 -18.66 4.54 17.99
C ASN A 165 -19.06 5.06 16.63
N SER A 166 -18.24 4.76 15.62
CA SER A 166 -18.52 5.21 14.27
C SER A 166 -17.86 4.36 13.17
N LYS A 167 -18.67 4.01 12.17
CA LYS A 167 -18.30 3.01 11.17
C LYS A 167 -18.26 3.60 9.75
N THR A 168 -17.25 3.24 8.96
CA THR A 168 -17.22 3.62 7.55
C THR A 168 -18.16 2.70 6.79
N PRO A 169 -18.59 3.12 5.58
CA PRO A 169 -19.38 2.19 4.77
C PRO A 169 -18.52 0.99 4.37
N GLN A 170 -19.15 -0.02 3.79
CA GLN A 170 -18.42 -1.21 3.35
C GLN A 170 -17.53 -0.91 2.16
N ASN A 171 -16.32 -1.43 2.20
CA ASN A 171 -15.41 -1.27 1.08
C ASN A 171 -16.06 -1.88 -0.14
N SER A 172 -15.96 -1.20 -1.28
CA SER A 172 -16.60 -1.73 -2.48
C SER A 172 -15.81 -2.87 -3.12
N ALA A 173 -14.61 -3.12 -2.62
CA ALA A 173 -13.76 -4.17 -3.23
C ALA A 173 -13.68 -5.48 -2.43
N ASP A 174 -13.76 -5.40 -1.11
CA ASP A 174 -13.63 -6.57 -0.25
C ASP A 174 -14.62 -6.58 0.93
N CYS A 175 -15.63 -5.71 0.86
CA CYS A 175 -16.73 -5.68 1.84
C CYS A 175 -16.37 -5.30 3.30
N THR A 176 -15.11 -4.90 3.54
CA THR A 176 -14.61 -4.62 4.89
C THR A 176 -15.02 -3.28 5.52
N TYR A 177 -15.09 -3.27 6.86
CA TYR A 177 -15.45 -2.08 7.63
C TYR A 177 -14.22 -1.31 8.17
N ASN A 178 -14.49 -0.18 8.80
CA ASN A 178 -13.52 0.58 9.58
C ASN A 178 -14.29 1.31 10.67
N LEU A 179 -13.74 1.29 11.87
CA LEU A 179 -14.46 1.85 13.02
C LEU A 179 -13.55 2.78 13.80
N SER A 180 -14.10 3.89 14.24
CA SER A 180 -13.44 4.69 15.28
C SER A 180 -14.28 4.67 16.55
N SER A 181 -13.63 4.39 17.67
CA SER A 181 -14.27 4.42 18.95
C SER A 181 -13.61 5.55 19.73
N THR A 182 -14.37 6.29 20.52
CA THR A 182 -13.80 7.34 21.36
C THR A 182 -14.35 7.31 22.79
N LEU A 183 -13.44 7.48 23.74
CA LEU A 183 -13.81 7.57 25.15
C LEU A 183 -13.55 8.97 25.65
N THR A 184 -14.59 9.60 26.20
CA THR A 184 -14.48 10.96 26.72
C THR A 184 -14.57 11.01 28.24
N LEU A 185 -13.62 11.73 28.84
CA LEU A 185 -13.55 11.89 30.28
C LEU A 185 -13.27 13.36 30.61
N THR A 186 -13.77 13.84 31.75
CA THR A 186 -13.41 15.16 32.24
C THR A 186 -11.96 15.12 32.73
N SER A 187 -11.27 16.26 32.69
CA SER A 187 -9.83 16.34 33.01
C SER A 187 -9.43 15.72 34.35
N THR A 188 -10.33 15.76 35.33
CA THR A 188 -10.09 15.16 36.63
C THR A 188 -9.87 13.65 36.50
N GLN A 189 -10.80 12.97 35.84
CA GLN A 189 -10.81 11.52 35.74
C GLN A 189 -9.63 11.01 34.92
N TYR A 190 -9.33 11.71 33.82
CA TYR A 190 -8.18 11.34 33.01
C TYR A 190 -6.89 11.42 33.84
N ASN A 191 -6.65 12.58 34.46
CA ASN A 191 -5.48 12.78 35.31
C ASN A 191 -5.54 12.01 36.63
N SER A 192 -6.47 11.07 36.74
CA SER A 192 -6.64 10.25 37.94
C SER A 192 -6.52 8.76 37.65
N HIS A 193 -6.02 8.41 36.47
CA HIS A 193 -5.70 7.03 36.14
C HIS A 193 -4.47 6.96 35.25
N LYS A 194 -3.86 5.78 35.17
CA LYS A 194 -2.65 5.64 34.37
C LYS A 194 -2.86 4.83 33.09
N GLU A 195 -3.53 3.68 33.21
CA GLU A 195 -3.64 2.76 32.08
C GLU A 195 -4.97 2.88 31.32
N TYR A 196 -4.86 2.84 29.99
CA TYR A 196 -6.00 3.07 29.12
C TYR A 196 -5.98 2.08 27.98
N THR A 197 -6.97 1.20 27.93
CA THR A 197 -6.94 0.14 26.93
C THR A 197 -8.22 -0.03 26.11
N CYS A 198 -8.03 -0.39 24.84
CA CYS A 198 -9.11 -0.54 23.89
C CYS A 198 -9.15 -1.97 23.38
N LYS A 199 -10.25 -2.64 23.66
CA LYS A 199 -10.39 -4.05 23.33
C LYS A 199 -11.36 -4.25 22.16
N VAL A 200 -10.82 -4.59 20.99
CA VAL A 200 -11.64 -4.90 19.82
C VAL A 200 -11.74 -6.42 19.64
N THR A 201 -12.91 -6.98 19.91
CA THR A 201 -13.09 -8.42 19.78
C THR A 201 -13.93 -8.81 18.56
N GLN A 202 -13.55 -9.89 17.90
CA GLN A 202 -14.31 -10.39 16.77
C GLN A 202 -14.56 -11.88 16.98
N GLY A 203 -15.61 -12.21 17.72
CA GLY A 203 -15.93 -13.59 18.00
C GLY A 203 -15.28 -14.07 19.28
N THR A 204 -14.33 -14.99 19.15
CA THR A 204 -13.56 -15.46 20.31
C THR A 204 -12.18 -14.81 20.33
N THR A 205 -11.83 -14.13 19.23
CA THR A 205 -10.49 -13.55 19.09
C THR A 205 -10.46 -12.05 19.22
N SER A 206 -9.51 -11.55 20.01
CA SER A 206 -9.41 -10.11 20.29
C SER A 206 -8.08 -9.51 19.89
N VAL A 207 -8.06 -8.18 19.79
CA VAL A 207 -6.82 -7.42 19.67
C VAL A 207 -6.89 -6.26 20.67
N VAL A 208 -5.82 -6.12 21.45
CA VAL A 208 -5.83 -5.17 22.55
C VAL A 208 -4.63 -4.23 22.49
N GLN A 209 -4.92 -2.93 22.37
CA GLN A 209 -3.90 -1.90 22.44
C GLN A 209 -4.15 -1.06 23.69
N SER A 210 -3.08 -0.64 24.34
CA SER A 210 -3.19 0.18 25.55
C SER A 210 -2.08 1.22 25.59
N PHE A 211 -2.29 2.25 26.41
CA PHE A 211 -1.22 3.19 26.72
C PHE A 211 -1.28 3.63 28.17
N ASN A 212 -0.21 4.27 28.62
CA ASN A 212 -0.17 4.89 29.94
C ASN A 212 -0.05 6.40 29.81
N ARG A 213 -0.81 7.12 30.64
CA ARG A 213 -0.88 8.58 30.58
C ARG A 213 0.51 9.22 30.59
N GLY A 214 1.29 8.91 31.62
CA GLY A 214 2.62 9.47 31.77
C GLY A 214 3.56 9.12 30.61
N ASP A 215 3.44 7.89 30.10
CA ASP A 215 4.31 7.39 29.05
C ASP A 215 4.23 8.19 27.75
N CYS A 216 3.24 9.06 27.64
CA CYS A 216 3.03 9.80 26.40
C CYS A 216 3.20 11.30 26.61
N GLN B 1 -22.89 18.40 -18.95
CA GLN B 1 -24.22 17.94 -18.53
C GLN B 1 -24.24 17.55 -17.05
N SER B 2 -24.39 18.54 -16.18
CA SER B 2 -24.41 18.28 -14.75
C SER B 2 -25.29 19.29 -14.01
N LEU B 3 -25.43 19.08 -12.70
CA LEU B 3 -26.23 19.96 -11.86
C LEU B 3 -25.51 20.22 -10.55
N GLU B 4 -25.71 21.41 -10.00
CA GLU B 4 -25.24 21.74 -8.68
C GLU B 4 -26.25 22.60 -7.91
N GLU B 5 -26.48 22.26 -6.65
CA GLU B 5 -27.33 23.04 -5.75
C GLU B 5 -26.50 23.92 -4.81
N SER B 6 -26.98 25.14 -4.58
CA SER B 6 -26.36 26.03 -3.61
C SER B 6 -27.46 26.72 -2.82
N GLY B 7 -27.07 27.41 -1.76
CA GLY B 7 -28.02 28.19 -0.99
C GLY B 7 -28.44 27.60 0.35
N GLY B 8 -27.97 26.40 0.66
CA GLY B 8 -28.23 25.81 1.95
C GLY B 8 -27.51 26.52 3.09
N ASP B 9 -28.07 26.44 4.30
CA ASP B 9 -27.48 27.10 5.47
C ASP B 9 -28.24 26.78 6.76
N LEU B 10 -27.80 27.38 7.87
CA LEU B 10 -28.48 27.26 9.15
C LEU B 10 -29.46 28.42 9.25
N VAL B 11 -30.74 28.11 9.49
CA VAL B 11 -31.75 29.16 9.65
C VAL B 11 -32.59 28.97 10.92
N GLN B 12 -33.07 30.07 11.50
CA GLN B 12 -33.94 30.00 12.66
C GLN B 12 -35.30 29.41 12.27
N PRO B 13 -36.04 28.88 13.25
CA PRO B 13 -37.40 28.40 12.99
C PRO B 13 -38.30 29.49 12.41
N GLY B 14 -39.29 29.09 11.62
CA GLY B 14 -40.20 30.04 10.98
C GLY B 14 -39.56 30.94 9.93
N ALA B 15 -38.30 30.73 9.59
CA ALA B 15 -37.60 31.56 8.59
C ALA B 15 -37.92 31.15 7.15
N SER B 16 -37.26 31.81 6.19
CA SER B 16 -37.48 31.60 4.77
C SER B 16 -36.15 31.41 4.01
N LEU B 17 -36.15 30.62 2.94
CA LEU B 17 -34.90 30.33 2.24
C LEU B 17 -35.06 29.84 0.79
N THR B 18 -34.19 30.32 -0.08
CA THR B 18 -34.26 29.97 -1.50
C THR B 18 -33.04 29.19 -1.93
N LEU B 19 -33.25 27.99 -2.46
CA LEU B 19 -32.18 27.19 -3.03
C LEU B 19 -32.18 27.33 -4.56
N THR B 20 -30.99 27.36 -5.15
CA THR B 20 -30.86 27.46 -6.60
C THR B 20 -30.20 26.21 -7.17
N CYS B 21 -30.71 25.75 -8.30
CA CYS B 21 -30.13 24.61 -9.01
C CYS B 21 -29.49 25.04 -10.33
N LYS B 22 -28.16 24.99 -10.42
CA LYS B 22 -27.45 25.45 -11.61
C LYS B 22 -27.11 24.36 -12.62
N ALA B 23 -27.47 24.57 -13.89
CA ALA B 23 -27.13 23.63 -14.96
C ALA B 23 -25.82 23.96 -15.67
N SER B 24 -25.02 22.94 -15.98
CA SER B 24 -23.81 23.13 -16.77
C SER B 24 -23.85 22.24 -18.02
N GLY B 25 -23.34 22.76 -19.14
CA GLY B 25 -23.21 21.99 -20.37
C GLY B 25 -24.50 21.81 -21.18
N PHE B 26 -25.56 22.49 -20.76
CA PHE B 26 -26.84 22.44 -21.46
C PHE B 26 -27.74 23.49 -20.85
N SER B 27 -28.89 23.74 -21.46
CA SER B 27 -29.80 24.74 -20.92
C SER B 27 -31.26 24.28 -20.86
N PHE B 28 -32.04 24.98 -20.04
CA PHE B 28 -33.43 24.64 -19.75
C PHE B 28 -34.34 25.19 -20.84
N GLY B 29 -33.86 25.16 -22.08
CA GLY B 29 -34.66 25.58 -23.21
C GLY B 29 -35.26 24.34 -23.83
N ASN B 30 -34.76 23.20 -23.40
CA ASN B 30 -35.28 21.92 -23.87
C ASN B 30 -36.30 21.33 -22.89
N ASN B 31 -36.76 20.11 -23.18
CA ASN B 31 -37.87 19.51 -22.44
C ASN B 31 -37.48 18.62 -21.28
N TYR B 32 -37.61 19.14 -20.07
CA TYR B 32 -37.27 18.33 -18.90
C TYR B 32 -38.29 18.46 -17.79
N ASP B 33 -38.23 17.52 -16.87
CA ASP B 33 -38.95 17.65 -15.61
C ASP B 33 -37.90 17.87 -14.53
N MET B 34 -37.83 19.10 -14.03
CA MET B 34 -36.85 19.52 -13.03
C MET B 34 -37.48 19.47 -11.65
N CYS B 35 -36.97 18.57 -10.80
CA CYS B 35 -37.65 18.26 -9.56
C CYS B 35 -36.71 18.36 -8.37
N TRP B 36 -37.27 18.62 -7.19
CA TRP B 36 -36.50 18.65 -5.95
C TRP B 36 -36.92 17.53 -5.03
N VAL B 37 -35.95 16.99 -4.32
CA VAL B 37 -36.11 15.84 -3.46
C VAL B 37 -35.20 16.09 -2.28
N ARG B 38 -35.69 15.84 -1.06
CA ARG B 38 -34.94 16.09 0.15
C ARG B 38 -34.81 14.82 0.97
N GLN B 39 -33.76 14.74 1.79
CA GLN B 39 -33.50 13.53 2.58
C GLN B 39 -32.95 13.85 3.95
N ALA B 40 -33.80 13.79 4.98
CA ALA B 40 -33.37 14.08 6.35
C ALA B 40 -32.32 13.07 6.82
N PRO B 41 -31.31 13.52 7.58
CA PRO B 41 -30.18 12.67 7.99
C PRO B 41 -30.63 11.28 8.48
N GLY B 42 -30.14 10.25 7.81
CA GLY B 42 -30.47 8.87 8.12
C GLY B 42 -31.84 8.40 7.67
N LYS B 43 -32.49 9.16 6.80
CA LYS B 43 -33.85 8.81 6.39
C LYS B 43 -33.97 8.56 4.89
N GLY B 44 -35.19 8.36 4.44
CA GLY B 44 -35.43 8.02 3.05
C GLY B 44 -35.67 9.24 2.19
N LEU B 45 -35.60 9.02 0.87
CA LEU B 45 -35.95 10.05 -0.11
C LEU B 45 -37.38 10.56 0.05
N GLU B 46 -37.55 11.88 0.00
CA GLU B 46 -38.87 12.48 -0.02
C GLU B 46 -39.02 13.46 -1.21
N TRP B 47 -40.04 13.23 -2.04
CA TRP B 47 -40.34 14.11 -3.18
C TRP B 47 -41.04 15.41 -2.74
N ILE B 48 -40.49 16.55 -3.18
CA ILE B 48 -41.07 17.87 -2.92
C ILE B 48 -41.93 18.39 -4.09
N GLY B 49 -41.44 18.24 -5.31
CA GLY B 49 -42.15 18.81 -6.43
C GLY B 49 -41.34 18.96 -7.71
N CYS B 50 -42.02 19.45 -8.74
CA CYS B 50 -41.40 19.61 -10.05
C CYS B 50 -41.75 20.93 -10.76
N ILE B 51 -40.91 21.30 -11.73
CA ILE B 51 -41.26 22.31 -12.72
C ILE B 51 -40.83 21.81 -14.10
N GLU B 52 -41.77 21.78 -15.03
CA GLU B 52 -41.47 21.44 -16.41
C GLU B 52 -40.78 22.62 -17.12
N THR B 53 -39.89 22.32 -18.04
CA THR B 53 -39.29 23.37 -18.88
C THR B 53 -39.54 23.10 -20.36
N GLY B 54 -38.97 23.94 -21.22
CA GLY B 54 -39.15 23.80 -22.66
C GLY B 54 -40.54 24.17 -23.20
N SER B 55 -41.30 23.15 -23.60
CA SER B 55 -42.57 23.35 -24.32
C SER B 55 -43.82 23.24 -23.44
N SER B 56 -43.62 23.07 -22.14
CA SER B 56 -44.75 23.19 -21.23
C SER B 56 -44.21 23.57 -19.86
N ASP B 57 -45.08 24.01 -18.98
CA ASP B 57 -44.62 24.74 -17.81
C ASP B 57 -45.40 24.47 -16.53
N SER B 58 -45.64 23.20 -16.22
CA SER B 58 -46.40 22.83 -15.02
C SER B 58 -45.59 22.82 -13.70
N ALA B 59 -46.08 23.57 -12.73
CA ALA B 59 -45.60 23.44 -11.37
C ALA B 59 -46.50 22.45 -10.61
N ALA B 60 -45.89 21.44 -9.99
CA ALA B 60 -46.61 20.44 -9.19
C ALA B 60 -45.84 20.08 -7.92
N TYR B 61 -46.59 19.70 -6.88
CA TYR B 61 -46.05 19.56 -5.52
C TYR B 61 -46.65 18.39 -4.74
N ALA B 62 -45.93 17.99 -3.69
CA ALA B 62 -46.44 17.06 -2.70
C ALA B 62 -47.46 17.79 -1.85
N THR B 63 -48.46 17.07 -1.37
CA THR B 63 -49.51 17.67 -0.55
C THR B 63 -48.95 18.48 0.61
N TRP B 64 -47.97 17.93 1.34
CA TRP B 64 -47.38 18.63 2.47
C TRP B 64 -46.71 19.97 2.09
N ALA B 65 -46.10 20.02 0.91
CA ALA B 65 -45.32 21.15 0.46
C ALA B 65 -46.18 22.24 -0.22
N LYS B 66 -47.27 21.79 -0.82
CA LYS B 66 -48.17 22.62 -1.61
C LYS B 66 -48.66 23.87 -0.87
N GLY B 67 -48.33 25.05 -1.40
CA GLY B 67 -48.71 26.32 -0.80
C GLY B 67 -47.63 26.94 0.07
N ARG B 68 -46.64 26.16 0.48
CA ARG B 68 -45.64 26.64 1.44
C ARG B 68 -44.28 26.84 0.76
N PHE B 69 -44.00 25.99 -0.23
CA PHE B 69 -42.79 26.11 -1.04
C PHE B 69 -43.19 26.51 -2.47
N THR B 70 -42.25 27.10 -3.21
CA THR B 70 -42.44 27.32 -4.65
C THR B 70 -41.24 26.86 -5.47
N ILE B 71 -41.51 26.45 -6.71
CA ILE B 71 -40.46 26.07 -7.66
C ILE B 71 -40.65 26.80 -8.99
N SER B 72 -39.57 27.35 -9.54
CA SER B 72 -39.69 28.13 -10.78
C SER B 72 -38.43 28.14 -11.59
N LYS B 73 -38.56 28.36 -12.90
CA LYS B 73 -37.43 28.52 -13.79
C LYS B 73 -37.01 29.99 -13.87
N THR B 74 -35.94 30.38 -13.18
CA THR B 74 -35.54 31.79 -13.14
C THR B 74 -34.60 32.25 -14.24
N SER B 75 -34.12 31.30 -15.05
CA SER B 75 -33.34 31.59 -16.27
C SER B 75 -33.22 30.30 -17.07
N SER B 76 -32.36 30.28 -18.09
CA SER B 76 -32.26 29.06 -18.91
C SER B 76 -31.24 28.06 -18.35
N THR B 77 -30.55 28.45 -17.28
CA THR B 77 -29.77 27.49 -16.49
C THR B 77 -29.93 27.63 -14.96
N THR B 78 -31.06 28.15 -14.50
CA THR B 78 -31.34 28.14 -13.06
C THR B 78 -32.79 27.82 -12.74
N VAL B 79 -32.97 26.87 -11.83
CA VAL B 79 -34.25 26.55 -11.26
C VAL B 79 -34.13 26.76 -9.75
N THR B 80 -35.06 27.49 -9.16
CA THR B 80 -34.98 27.76 -7.74
C THR B 80 -36.02 26.98 -6.97
N LEU B 81 -35.75 26.78 -5.68
CA LEU B 81 -36.77 26.29 -4.73
C LEU B 81 -36.84 27.24 -3.55
N GLN B 82 -38.04 27.73 -3.26
CA GLN B 82 -38.22 28.72 -2.20
C GLN B 82 -39.05 28.16 -1.05
N MET B 83 -38.51 28.23 0.16
CA MET B 83 -39.19 27.66 1.34
C MET B 83 -39.59 28.75 2.31
N THR B 84 -40.64 28.50 3.09
CA THR B 84 -41.17 29.47 4.06
C THR B 84 -41.69 28.77 5.32
N SER B 85 -41.70 29.49 6.44
CA SER B 85 -42.21 28.96 7.70
C SER B 85 -41.48 27.68 8.09
N LEU B 86 -40.15 27.73 7.98
CA LEU B 86 -39.29 26.57 8.23
C LEU B 86 -39.34 26.09 9.69
N THR B 87 -39.33 24.77 9.87
CA THR B 87 -39.26 24.17 11.19
C THR B 87 -38.27 22.99 11.18
N ALA B 88 -38.12 22.32 12.32
CA ALA B 88 -37.14 21.24 12.46
C ALA B 88 -37.39 20.14 11.45
N ALA B 89 -38.67 19.95 11.12
CA ALA B 89 -39.10 18.90 10.20
C ALA B 89 -38.54 19.10 8.78
N ASP B 90 -38.00 20.29 8.51
CA ASP B 90 -37.48 20.61 7.19
C ASP B 90 -35.95 20.48 7.09
N THR B 91 -35.29 20.12 8.20
CA THR B 91 -33.84 19.90 8.16
C THR B 91 -33.51 18.71 7.27
N ALA B 92 -32.64 18.92 6.29
CA ALA B 92 -32.29 17.88 5.29
C ALA B 92 -31.25 18.34 4.26
N THR B 93 -30.71 17.39 3.50
CA THR B 93 -30.02 17.67 2.25
C THR B 93 -31.07 17.72 1.13
N TYR B 94 -30.92 18.67 0.19
CA TYR B 94 -31.87 18.87 -0.90
C TYR B 94 -31.24 18.64 -2.28
N PHE B 95 -31.77 17.66 -3.01
CA PHE B 95 -31.31 17.39 -4.37
C PHE B 95 -32.26 17.97 -5.42
N CYS B 96 -31.70 18.49 -6.50
CA CYS B 96 -32.51 18.77 -7.66
C CYS B 96 -32.12 17.73 -8.69
N ALA B 97 -33.09 17.25 -9.47
CA ALA B 97 -32.84 16.23 -10.48
C ALA B 97 -33.50 16.53 -11.82
N ARG B 98 -32.84 16.12 -12.90
CA ARG B 98 -33.42 16.20 -14.24
C ARG B 98 -33.94 14.83 -14.70
N ASN B 99 -35.27 14.74 -14.84
CA ASN B 99 -35.94 13.49 -15.19
C ASN B 99 -35.67 12.32 -14.22
N PHE B 100 -35.26 12.66 -13.00
CA PHE B 100 -34.80 11.71 -11.98
C PHE B 100 -33.69 10.81 -12.47
N ASP B 101 -32.97 11.29 -13.48
CA ASP B 101 -31.95 10.53 -14.21
C ASP B 101 -30.59 11.14 -13.91
N LEU B 102 -30.52 12.46 -14.02
CA LEU B 102 -29.34 13.25 -13.71
C LEU B 102 -29.53 14.04 -12.40
N TRP B 103 -28.57 13.91 -11.48
CA TRP B 103 -28.70 14.50 -10.14
C TRP B 103 -27.53 15.38 -9.73
N GLY B 104 -27.82 16.39 -8.91
CA GLY B 104 -26.79 17.16 -8.22
C GLY B 104 -26.31 16.50 -6.92
N PRO B 105 -25.16 16.97 -6.40
CA PRO B 105 -24.58 16.39 -5.17
C PRO B 105 -25.33 16.77 -3.89
N GLY B 106 -26.05 17.90 -3.91
CA GLY B 106 -26.90 18.28 -2.80
C GLY B 106 -26.44 19.45 -1.95
N THR B 107 -27.41 20.22 -1.46
CA THR B 107 -27.11 21.33 -0.55
C THR B 107 -27.87 21.09 0.78
N LEU B 108 -27.31 21.52 1.90
CA LEU B 108 -27.82 21.10 3.22
C LEU B 108 -28.54 22.21 4.01
N VAL B 109 -29.61 21.85 4.71
CA VAL B 109 -30.36 22.86 5.49
C VAL B 109 -30.63 22.44 6.94
N ILE B 110 -30.12 23.21 7.89
CA ILE B 110 -30.43 22.97 9.31
C ILE B 110 -31.37 24.04 9.85
N VAL B 111 -32.52 23.64 10.37
CA VAL B 111 -33.41 24.59 11.02
C VAL B 111 -33.35 24.31 12.50
N SER B 112 -32.88 25.29 13.27
CA SER B 112 -32.76 25.11 14.71
C SER B 112 -32.44 26.43 15.37
N SER B 113 -32.83 26.56 16.64
CA SER B 113 -32.58 27.79 17.38
C SER B 113 -31.19 27.82 18.01
N GLY B 114 -30.37 26.81 17.68
CA GLY B 114 -29.00 26.75 18.17
C GLY B 114 -28.08 27.68 17.43
N GLN B 115 -26.99 28.08 18.08
CA GLN B 115 -26.01 29.01 17.49
C GLN B 115 -24.68 28.29 17.18
N PRO B 116 -24.02 28.68 16.06
CA PRO B 116 -22.82 28.01 15.54
C PRO B 116 -21.66 28.01 16.52
N LYS B 117 -20.68 27.17 16.26
CA LYS B 117 -19.47 27.08 17.07
C LYS B 117 -18.40 26.34 16.30
N ALA B 118 -17.26 27.01 16.06
CA ALA B 118 -16.19 26.47 15.25
C ALA B 118 -15.53 25.29 15.95
N PRO B 119 -14.87 24.40 15.18
CA PRO B 119 -14.28 23.22 15.78
C PRO B 119 -12.86 23.46 16.32
N SER B 120 -12.49 22.70 17.34
CA SER B 120 -11.10 22.57 17.76
C SER B 120 -10.46 21.32 17.13
N VAL B 121 -9.33 21.49 16.46
CA VAL B 121 -8.62 20.37 15.85
C VAL B 121 -7.41 19.98 16.70
N PHE B 122 -7.28 18.69 17.00
CA PHE B 122 -6.11 18.14 17.68
C PHE B 122 -5.52 17.00 16.84
N PRO B 123 -4.17 16.93 16.76
CA PRO B 123 -3.49 15.87 16.00
C PRO B 123 -3.61 14.50 16.65
N LEU B 124 -3.65 13.47 15.82
CA LEU B 124 -3.71 12.09 16.29
C LEU B 124 -2.41 11.37 15.94
N ALA B 125 -1.71 10.88 16.96
CA ALA B 125 -0.38 10.34 16.75
C ALA B 125 -0.07 9.19 17.71
N PRO B 126 0.49 8.09 17.17
CA PRO B 126 0.88 6.86 17.87
C PRO B 126 1.72 7.18 19.10
N CYS B 127 1.64 6.36 20.13
CA CYS B 127 2.32 6.67 21.38
C CYS B 127 3.83 6.49 21.33
N SER B 134 7.06 0.01 8.49
CA SER B 134 7.73 1.28 8.22
C SER B 134 6.76 2.43 7.91
N THR B 135 5.46 2.13 7.93
CA THR B 135 4.43 3.14 7.66
C THR B 135 3.74 3.61 8.94
N VAL B 136 3.06 4.75 8.88
CA VAL B 136 2.37 5.28 10.07
C VAL B 136 0.95 5.82 9.80
N THR B 137 0.09 5.65 10.80
CA THR B 137 -1.25 6.17 10.70
C THR B 137 -1.42 7.31 11.67
N LEU B 138 -1.40 8.52 11.13
CA LEU B 138 -1.65 9.74 11.89
C LEU B 138 -3.01 10.31 11.47
N GLY B 139 -3.59 11.12 12.34
CA GLY B 139 -4.90 11.66 12.07
C GLY B 139 -5.19 13.01 12.67
N CYS B 140 -6.42 13.49 12.44
CA CYS B 140 -6.90 14.73 13.07
C CYS B 140 -8.26 14.52 13.71
N LEU B 141 -8.35 14.77 15.01
CA LEU B 141 -9.63 14.74 15.74
C LEU B 141 -10.23 16.13 15.72
N VAL B 142 -11.45 16.23 15.17
CA VAL B 142 -12.17 17.48 15.10
C VAL B 142 -13.31 17.40 16.10
N LYS B 143 -13.48 18.39 16.97
CA LYS B 143 -14.50 18.24 18.00
C LYS B 143 -15.24 19.52 18.37
N GLY B 144 -16.36 19.35 19.06
CA GLY B 144 -17.14 20.45 19.60
C GLY B 144 -17.56 21.48 18.57
N TYR B 145 -18.08 21.03 17.42
CA TYR B 145 -18.55 21.94 16.39
C TYR B 145 -20.04 21.81 16.13
N LEU B 146 -20.64 22.85 15.59
CA LEU B 146 -22.08 22.90 15.42
C LEU B 146 -22.42 24.02 14.45
N PRO B 147 -23.33 23.75 13.50
CA PRO B 147 -23.85 22.41 13.22
C PRO B 147 -23.00 21.74 12.15
N GLU B 148 -23.56 20.75 11.48
CA GLU B 148 -22.90 20.11 10.35
C GLU B 148 -23.04 20.94 9.06
N PRO B 149 -22.13 20.72 8.09
CA PRO B 149 -21.04 19.74 8.12
C PRO B 149 -19.68 20.34 8.36
N VAL B 150 -18.67 19.56 8.00
CA VAL B 150 -17.28 20.00 8.05
C VAL B 150 -16.56 19.13 7.04
N THR B 151 -15.56 19.68 6.35
CA THR B 151 -14.80 18.85 5.42
C THR B 151 -13.32 18.85 5.75
N VAL B 152 -12.70 17.69 5.64
CA VAL B 152 -11.28 17.55 5.90
C VAL B 152 -10.58 17.11 4.62
N THR B 153 -9.42 17.67 4.35
CA THR B 153 -8.59 17.22 3.24
C THR B 153 -7.17 17.11 3.77
N TRP B 154 -6.30 16.43 3.02
CA TRP B 154 -4.91 16.35 3.44
C TRP B 154 -4.01 16.98 2.39
N ASN B 155 -3.13 17.86 2.86
CA ASN B 155 -2.26 18.66 1.98
C ASN B 155 -3.04 19.33 0.85
N SER B 156 -4.16 19.96 1.21
CA SER B 156 -4.97 20.74 0.28
C SER B 156 -5.50 19.99 -0.96
N GLY B 157 -5.72 18.67 -0.81
CA GLY B 157 -6.23 17.87 -1.91
C GLY B 157 -5.18 16.99 -2.58
N THR B 158 -3.94 17.08 -2.09
CA THR B 158 -2.82 16.36 -2.65
C THR B 158 -2.85 14.90 -2.26
N LEU B 159 -3.10 14.67 -0.97
CA LEU B 159 -3.17 13.33 -0.43
C LEU B 159 -4.60 12.81 -0.50
N THR B 160 -4.77 11.65 -1.11
CA THR B 160 -6.11 11.16 -1.39
C THR B 160 -6.24 9.67 -1.07
N ASN B 161 -5.18 8.91 -1.33
CA ASN B 161 -5.19 7.49 -1.03
C ASN B 161 -4.74 7.28 0.41
N GLY B 162 -5.34 6.32 1.09
CA GLY B 162 -5.01 6.05 2.47
C GLY B 162 -5.80 6.92 3.43
N VAL B 163 -6.77 7.67 2.91
CA VAL B 163 -7.59 8.57 3.73
C VAL B 163 -8.92 7.96 4.20
N ARG B 164 -9.11 7.88 5.51
CA ARG B 164 -10.38 7.40 6.09
C ARG B 164 -11.04 8.42 7.01
N THR B 165 -12.03 9.13 6.49
CA THR B 165 -12.72 10.16 7.26
C THR B 165 -14.05 9.62 7.83
N PHE B 166 -14.14 9.46 9.13
CA PHE B 166 -15.32 8.85 9.72
C PHE B 166 -16.58 9.74 9.73
N PRO B 167 -17.77 9.11 9.75
CA PRO B 167 -18.95 9.97 9.88
C PRO B 167 -18.99 10.62 11.28
N SER B 168 -19.42 11.87 11.35
CA SER B 168 -19.50 12.58 12.61
C SER B 168 -20.45 11.92 13.58
N VAL B 169 -20.22 12.09 14.87
CA VAL B 169 -21.19 11.68 15.88
C VAL B 169 -21.45 12.82 16.85
N ARG B 170 -22.73 13.09 17.09
CA ARG B 170 -23.14 14.11 18.04
C ARG B 170 -22.77 13.64 19.44
N GLN B 171 -21.86 14.34 20.08
CA GLN B 171 -21.43 13.99 21.43
C GLN B 171 -22.54 14.31 22.42
N SER B 172 -22.43 13.77 23.64
CA SER B 172 -23.43 13.97 24.68
C SER B 172 -23.55 15.44 25.05
N SER B 173 -22.53 16.22 24.67
CA SER B 173 -22.55 17.65 24.89
C SER B 173 -23.55 18.34 23.99
N GLY B 174 -23.99 17.67 22.95
CA GLY B 174 -24.90 18.27 22.00
C GLY B 174 -24.15 18.80 20.79
N LEU B 175 -22.83 18.78 20.88
CA LEU B 175 -21.97 19.20 19.75
C LEU B 175 -21.41 18.01 18.97
N TYR B 176 -21.02 18.25 17.73
CA TYR B 176 -20.55 17.18 16.86
C TYR B 176 -19.05 16.91 16.93
N SER B 177 -18.62 15.76 16.43
CA SER B 177 -17.22 15.39 16.40
C SER B 177 -16.96 14.27 15.39
N LEU B 178 -15.77 14.26 14.80
CA LEU B 178 -15.36 13.14 13.95
C LEU B 178 -13.85 13.00 13.94
N SER B 179 -13.36 11.92 13.33
CA SER B 179 -11.93 11.75 13.14
C SER B 179 -11.54 11.34 11.72
N SER B 180 -10.41 11.84 11.25
CA SER B 180 -9.86 11.40 9.96
C SER B 180 -8.42 10.87 10.08
N VAL B 181 -8.17 9.69 9.54
CA VAL B 181 -6.84 9.09 9.59
C VAL B 181 -6.24 8.85 8.20
N VAL B 182 -4.93 8.95 8.11
CA VAL B 182 -4.25 8.60 6.88
C VAL B 182 -2.96 7.79 7.12
N SER B 183 -2.81 6.75 6.30
CA SER B 183 -1.67 5.85 6.35
C SER B 183 -0.61 6.42 5.44
N VAL B 184 0.53 6.79 6.01
CA VAL B 184 1.58 7.43 5.24
C VAL B 184 2.98 6.89 5.53
N THR B 185 3.78 6.75 4.47
CA THR B 185 5.17 6.35 4.64
C THR B 185 6.06 7.59 4.78
N SER B 186 7.34 7.45 4.45
CA SER B 186 8.30 8.53 4.70
C SER B 186 8.18 9.77 3.78
N SER B 187 7.80 9.58 2.52
CA SER B 187 7.62 10.71 1.60
C SER B 187 6.47 10.53 0.57
N SER B 188 5.44 11.38 0.65
CA SER B 188 5.36 12.46 1.64
C SER B 188 4.87 11.90 2.99
N GLN B 189 5.48 12.21 4.16
CA GLN B 189 6.34 13.34 4.61
C GLN B 189 5.40 14.27 5.38
N PRO B 190 5.76 14.63 6.63
CA PRO B 190 4.98 15.46 7.56
C PRO B 190 3.81 16.17 6.91
N VAL B 191 2.61 15.72 7.26
CA VAL B 191 1.41 16.06 6.51
C VAL B 191 0.48 16.98 7.28
N THR B 192 -0.39 17.65 6.53
CA THR B 192 -1.25 18.68 7.06
C THR B 192 -2.71 18.39 6.78
N CYS B 193 -3.53 18.43 7.81
CA CYS B 193 -4.97 18.27 7.64
C CYS B 193 -5.67 19.64 7.51
N ASN B 194 -6.62 19.74 6.59
CA ASN B 194 -7.32 20.99 6.30
C ASN B 194 -8.79 20.92 6.69
N VAL B 195 -9.14 21.53 7.82
CA VAL B 195 -10.49 21.38 8.31
C VAL B 195 -11.31 22.65 8.13
N ALA B 196 -12.28 22.62 7.21
CA ALA B 196 -13.09 23.79 6.88
C ALA B 196 -14.52 23.67 7.43
N HIS B 197 -14.96 24.66 8.20
CA HIS B 197 -16.29 24.63 8.82
C HIS B 197 -17.13 25.83 8.37
N PRO B 198 -17.83 25.67 7.23
CA PRO B 198 -18.63 26.68 6.54
C PRO B 198 -19.53 27.51 7.46
N ALA B 199 -20.26 26.88 8.36
CA ALA B 199 -21.23 27.59 9.18
C ALA B 199 -20.64 28.60 10.19
N THR B 200 -19.31 28.68 10.26
CA THR B 200 -18.63 29.66 11.10
C THR B 200 -17.52 30.38 10.31
N ASN B 201 -17.45 30.09 9.03
CA ASN B 201 -16.47 30.71 8.14
C ASN B 201 -15.00 30.53 8.57
N THR B 202 -14.72 29.53 9.39
CA THR B 202 -13.32 29.26 9.76
C THR B 202 -12.68 28.18 8.89
N LYS B 203 -11.36 28.09 8.92
CA LYS B 203 -10.66 26.97 8.30
C LYS B 203 -9.35 26.73 9.05
N VAL B 204 -9.25 25.56 9.68
CA VAL B 204 -8.08 25.21 10.49
C VAL B 204 -7.17 24.19 9.80
N ASP B 205 -5.87 24.43 9.81
CA ASP B 205 -4.93 23.44 9.30
C ASP B 205 -4.18 22.85 10.49
N LYS B 206 -3.87 21.56 10.43
CA LYS B 206 -3.05 20.93 11.47
C LYS B 206 -2.02 19.97 10.88
N THR B 207 -0.76 20.25 11.19
CA THR B 207 0.37 19.49 10.68
C THR B 207 0.79 18.45 11.71
N VAL B 208 0.80 17.19 11.31
CA VAL B 208 1.18 16.10 12.22
C VAL B 208 2.41 15.36 11.69
N ALA B 209 3.09 14.62 12.58
CA ALA B 209 4.28 13.85 12.21
C ALA B 209 4.61 12.80 13.28
N PRO B 210 5.30 11.70 12.88
CA PRO B 210 5.73 10.62 13.78
C PRO B 210 6.29 11.10 15.12
N THR C 3 -51.46 19.17 -19.24
CA THR C 3 -50.69 18.25 -20.09
C THR C 3 -49.56 17.52 -19.35
N ARG C 4 -49.35 17.86 -18.07
CA ARG C 4 -48.56 16.99 -17.19
C ARG C 4 -49.49 15.94 -16.62
N LYS C 5 -49.24 14.67 -16.95
CA LYS C 5 -50.08 13.58 -16.49
C LYS C 5 -49.46 12.86 -15.29
N SER C 6 -48.14 12.98 -15.14
CA SER C 6 -47.40 12.28 -14.10
C SER C 6 -46.02 12.89 -13.91
N ILE C 7 -45.05 12.08 -13.51
CA ILE C 7 -43.64 12.50 -13.54
C ILE C 7 -42.85 11.73 -14.61
N ARG C 8 -41.90 12.44 -15.24
CA ARG C 8 -41.02 11.84 -16.24
C ARG C 8 -39.80 11.21 -15.55
N ILE C 9 -39.61 9.91 -15.79
CA ILE C 9 -38.48 9.17 -15.23
C ILE C 9 -37.66 8.53 -16.37
N GLY C 10 -36.44 9.01 -16.58
CA GLY C 10 -35.62 8.46 -17.64
C GLY C 10 -35.79 9.27 -18.90
N PRO C 11 -35.25 8.78 -20.03
CA PRO C 11 -35.28 9.51 -21.30
C PRO C 11 -36.69 9.85 -21.79
N GLY C 12 -36.81 10.91 -22.59
CA GLY C 12 -38.09 11.33 -23.12
C GLY C 12 -38.47 10.58 -24.39
N GLN D 1 8.32 -21.60 -23.64
CA GLN D 1 7.87 -20.66 -22.64
C GLN D 1 9.01 -19.68 -22.39
N VAL D 2 8.87 -18.48 -22.94
CA VAL D 2 9.82 -17.40 -22.74
C VAL D 2 9.08 -16.18 -22.16
N LEU D 3 9.62 -15.60 -21.09
CA LEU D 3 9.03 -14.41 -20.47
C LEU D 3 9.88 -13.15 -20.71
N THR D 4 9.32 -12.20 -21.45
CA THR D 4 10.07 -10.97 -21.77
C THR D 4 9.72 -9.83 -20.79
N GLN D 5 10.67 -9.53 -19.92
CA GLN D 5 10.54 -8.45 -18.95
C GLN D 5 11.33 -7.21 -19.42
N THR D 6 10.62 -6.09 -19.50
CA THR D 6 11.17 -4.77 -19.86
C THR D 6 10.54 -3.74 -18.92
N PRO D 7 11.27 -2.67 -18.59
CA PRO D 7 12.62 -2.32 -19.04
C PRO D 7 13.69 -3.09 -18.25
N SER D 8 14.92 -3.12 -18.73
CA SER D 8 15.96 -3.83 -17.98
C SER D 8 16.31 -3.05 -16.74
N SER D 9 16.09 -1.74 -16.79
CA SER D 9 16.36 -0.85 -15.66
C SER D 9 15.59 0.47 -15.76
N VAL D 10 15.29 1.06 -14.62
CA VAL D 10 14.69 2.38 -14.59
C VAL D 10 15.10 3.15 -13.35
N SER D 11 15.32 4.45 -13.51
CA SER D 11 15.57 5.38 -12.41
C SER D 11 14.31 6.20 -12.11
N THR D 12 13.87 6.25 -10.85
CA THR D 12 12.63 6.97 -10.51
C THR D 12 12.70 7.71 -9.16
N ALA D 13 12.03 8.86 -9.05
CA ALA D 13 12.16 9.68 -7.84
C ALA D 13 11.28 9.20 -6.70
N VAL D 14 11.77 9.35 -5.47
CA VAL D 14 10.99 9.06 -4.25
C VAL D 14 9.65 9.75 -4.27
N GLY D 15 8.58 8.98 -4.17
CA GLY D 15 7.24 9.55 -4.15
C GLY D 15 6.60 9.53 -5.51
N SER D 16 7.29 8.98 -6.51
CA SER D 16 6.65 8.76 -7.79
C SER D 16 6.00 7.37 -7.84
N ALA D 17 5.38 7.06 -8.97
CA ALA D 17 4.88 5.71 -9.18
C ALA D 17 5.60 5.12 -10.40
N VAL D 18 5.75 3.80 -10.41
CA VAL D 18 6.57 3.16 -11.44
C VAL D 18 5.93 1.85 -11.94
N THR D 19 6.07 1.57 -13.24
CA THR D 19 5.45 0.36 -13.80
C THR D 19 6.46 -0.53 -14.52
N ILE D 20 6.24 -1.84 -14.38
CA ILE D 20 7.09 -2.87 -14.98
C ILE D 20 6.22 -3.79 -15.86
N ASN D 21 6.78 -4.27 -16.97
CA ASN D 21 6.01 -5.05 -17.93
C ASN D 21 6.49 -6.49 -18.14
N CYS D 22 5.56 -7.42 -18.23
CA CYS D 22 5.91 -8.81 -18.61
C CYS D 22 5.07 -9.39 -19.71
N GLN D 23 5.77 -9.93 -20.71
CA GLN D 23 5.18 -10.39 -21.96
C GLN D 23 5.59 -11.85 -22.28
N SER D 24 4.58 -12.73 -22.38
CA SER D 24 4.82 -14.18 -22.44
C SER D 24 4.59 -14.81 -23.83
N SER D 25 5.52 -15.65 -24.26
CA SER D 25 5.40 -16.33 -25.56
C SER D 25 4.22 -17.32 -25.70
N GLN D 26 3.66 -17.72 -24.56
CA GLN D 26 2.44 -18.52 -24.55
C GLN D 26 1.63 -18.15 -23.31
N ASN D 27 0.38 -18.61 -23.26
CA ASN D 27 -0.49 -18.31 -22.13
C ASN D 27 0.04 -18.98 -20.87
N VAL D 28 -0.03 -18.27 -19.75
CA VAL D 28 0.33 -18.88 -18.46
C VAL D 28 -0.77 -19.84 -18.03
N TYR D 29 -0.37 -20.89 -17.31
CA TYR D 29 -1.31 -21.93 -16.90
C TYR D 29 -2.51 -21.30 -16.19
N SER D 30 -3.70 -21.62 -16.70
CA SER D 30 -4.96 -21.16 -16.14
C SER D 30 -5.07 -19.64 -16.26
N ASN D 31 -4.31 -19.08 -17.20
CA ASN D 31 -4.31 -17.64 -17.47
C ASN D 31 -3.85 -16.69 -16.36
N ASN D 32 -3.76 -17.14 -15.12
CA ASN D 32 -3.28 -16.24 -14.09
C ASN D 32 -2.12 -16.71 -13.20
N ASN D 33 -1.51 -17.84 -13.55
CA ASN D 33 -0.39 -18.37 -12.76
C ASN D 33 0.90 -17.56 -12.99
N LEU D 34 0.97 -16.38 -12.37
CA LEU D 34 2.05 -15.44 -12.61
C LEU D 34 2.34 -14.67 -11.33
N ALA D 35 3.62 -14.49 -11.02
CA ALA D 35 3.99 -13.85 -9.77
C ALA D 35 5.02 -12.73 -9.92
N TRP D 36 5.05 -11.83 -8.95
CA TRP D 36 6.07 -10.79 -8.91
C TRP D 36 6.98 -10.92 -7.68
N PHE D 37 8.27 -10.74 -7.90
CA PHE D 37 9.27 -10.90 -6.86
C PHE D 37 10.14 -9.66 -6.73
N GLN D 38 10.69 -9.44 -5.55
CA GLN D 38 11.67 -8.40 -5.30
C GLN D 38 12.95 -9.05 -4.78
N GLN D 39 14.11 -8.61 -5.28
CA GLN D 39 15.36 -9.16 -4.73
C GLN D 39 16.45 -8.13 -4.50
N LYS D 40 16.81 -7.95 -3.24
CA LYS D 40 17.93 -7.09 -2.90
C LYS D 40 19.20 -7.93 -2.93
N PRO D 41 20.35 -7.30 -3.26
CA PRO D 41 21.64 -7.98 -3.41
C PRO D 41 22.11 -8.79 -2.19
N GLY D 42 22.33 -10.09 -2.38
CA GLY D 42 22.84 -10.96 -1.34
C GLY D 42 21.74 -11.64 -0.54
N GLN D 43 20.51 -11.48 -1.00
CA GLN D 43 19.35 -12.02 -0.31
C GLN D 43 18.54 -12.86 -1.28
N PRO D 44 17.71 -13.78 -0.76
CA PRO D 44 16.79 -14.51 -1.65
C PRO D 44 15.68 -13.59 -2.14
N PRO D 45 15.14 -13.86 -3.35
CA PRO D 45 13.98 -13.11 -3.83
C PRO D 45 12.82 -13.18 -2.85
N ARG D 46 11.96 -12.16 -2.87
CA ARG D 46 10.85 -12.02 -1.93
C ARG D 46 9.53 -11.97 -2.70
N LEU D 47 8.61 -12.88 -2.37
CA LEU D 47 7.32 -13.00 -3.05
C LEU D 47 6.39 -11.87 -2.62
N LEU D 48 5.90 -11.09 -3.59
CA LEU D 48 5.07 -9.92 -3.34
C LEU D 48 3.63 -10.12 -3.79
N ILE D 49 3.48 -10.79 -4.94
CA ILE D 49 2.18 -10.95 -5.60
C ILE D 49 2.14 -12.26 -6.39
N TYR D 50 1.07 -13.01 -6.19
CA TYR D 50 0.86 -14.26 -6.92
C TYR D 50 -0.55 -14.28 -7.52
N ASP D 51 -0.82 -15.27 -8.37
CA ASP D 51 -2.09 -15.36 -9.09
C ASP D 51 -2.38 -14.06 -9.85
N ALA D 52 -1.32 -13.45 -10.40
CA ALA D 52 -1.37 -12.17 -11.13
C ALA D 52 -1.63 -10.91 -10.30
N SER D 53 -2.45 -11.00 -9.25
CA SER D 53 -2.80 -9.80 -8.50
C SER D 53 -3.21 -10.00 -7.04
N LYS D 54 -2.93 -11.17 -6.47
CA LYS D 54 -3.12 -11.35 -5.03
C LYS D 54 -1.89 -10.87 -4.25
N LEU D 55 -2.13 -10.12 -3.17
CA LEU D 55 -1.06 -9.63 -2.31
C LEU D 55 -0.67 -10.68 -1.28
N ALA D 56 0.62 -11.03 -1.21
CA ALA D 56 1.11 -11.95 -0.18
C ALA D 56 1.03 -11.29 1.19
N SER D 57 1.20 -12.08 2.25
CA SER D 57 1.06 -11.59 3.62
C SER D 57 2.17 -10.64 4.04
N GLY D 58 1.79 -9.48 4.56
CA GLY D 58 2.74 -8.48 5.04
C GLY D 58 3.25 -7.51 3.99
N VAL D 59 2.64 -7.53 2.81
CA VAL D 59 3.12 -6.73 1.70
C VAL D 59 2.20 -5.52 1.48
N PRO D 60 2.78 -4.32 1.58
CA PRO D 60 2.05 -3.05 1.55
C PRO D 60 1.16 -2.94 0.33
N SER D 61 0.06 -2.19 0.43
CA SER D 61 -0.87 -2.08 -0.68
C SER D 61 -0.35 -1.17 -1.81
N ARG D 62 0.84 -0.60 -1.61
CA ARG D 62 1.51 0.19 -2.62
C ARG D 62 1.89 -0.66 -3.81
N PHE D 63 2.01 -1.95 -3.58
CA PHE D 63 2.34 -2.91 -4.63
C PHE D 63 1.06 -3.47 -5.25
N LYS D 64 0.97 -3.44 -6.58
CA LYS D 64 -0.14 -4.09 -7.27
C LYS D 64 0.30 -4.68 -8.62
N GLY D 65 -0.31 -5.77 -9.01
CA GLY D 65 -0.11 -6.28 -10.36
C GLY D 65 -1.42 -6.42 -11.09
N SER D 66 -1.35 -6.61 -12.40
CA SER D 66 -2.54 -6.93 -13.19
C SER D 66 -2.18 -7.45 -14.57
N GLY D 67 -3.21 -7.81 -15.32
CA GLY D 67 -3.06 -8.43 -16.61
C GLY D 67 -3.63 -9.84 -16.56
N SER D 68 -3.47 -10.57 -17.65
CA SER D 68 -4.04 -11.91 -17.79
C SER D 68 -3.57 -12.59 -19.10
N GLY D 69 -3.61 -13.90 -19.14
CA GLY D 69 -3.15 -14.59 -20.32
C GLY D 69 -1.67 -14.40 -20.54
N THR D 70 -1.28 -13.49 -21.44
CA THR D 70 0.11 -13.38 -21.87
C THR D 70 0.77 -12.04 -21.56
N GLN D 71 -0.01 -11.07 -21.10
CA GLN D 71 0.50 -9.72 -20.85
C GLN D 71 0.22 -9.38 -19.39
N PHE D 72 1.20 -8.76 -18.73
CA PHE D 72 1.10 -8.50 -17.29
C PHE D 72 1.80 -7.21 -16.90
N THR D 73 1.29 -6.53 -15.88
CA THR D 73 1.92 -5.31 -15.40
C THR D 73 2.08 -5.27 -13.90
N PHE D 74 2.98 -4.41 -13.43
CA PHE D 74 3.34 -4.32 -12.02
C PHE D 74 3.71 -2.88 -11.68
N THR D 75 3.07 -2.34 -10.65
CA THR D 75 3.19 -0.93 -10.30
C THR D 75 3.45 -0.72 -8.82
N ILE D 76 4.42 0.12 -8.51
CA ILE D 76 4.59 0.60 -7.17
C ILE D 76 4.11 2.04 -7.18
N SER D 77 3.18 2.36 -6.28
CA SER D 77 2.80 3.74 -6.03
C SER D 77 3.65 4.21 -4.86
N ASP D 78 3.84 5.54 -4.74
CA ASP D 78 4.47 6.13 -3.57
C ASP D 78 5.84 5.49 -3.29
N VAL D 79 6.66 5.39 -4.33
CA VAL D 79 7.98 4.75 -4.26
C VAL D 79 8.82 5.23 -3.08
N GLN D 80 9.39 4.29 -2.34
CA GLN D 80 10.24 4.58 -1.20
C GLN D 80 11.64 4.12 -1.49
N CYS D 81 12.59 4.66 -0.75
CA CYS D 81 13.99 4.23 -0.81
C CYS D 81 14.11 2.73 -0.54
N ASP D 82 13.27 2.23 0.35
CA ASP D 82 13.27 0.81 0.65
C ASP D 82 12.93 -0.09 -0.54
N ASP D 83 12.34 0.47 -1.59
CA ASP D 83 11.92 -0.33 -2.75
C ASP D 83 13.08 -0.60 -3.71
N ALA D 84 14.10 0.23 -3.69
CA ALA D 84 15.29 0.05 -4.55
C ALA D 84 15.77 -1.39 -4.50
N ALA D 85 15.62 -2.08 -5.63
CA ALA D 85 15.94 -3.49 -5.74
C ALA D 85 15.92 -3.93 -7.18
N THR D 86 15.99 -5.24 -7.39
CA THR D 86 15.70 -5.82 -8.67
C THR D 86 14.38 -6.58 -8.57
N PHE D 87 13.48 -6.34 -9.53
CA PHE D 87 12.21 -7.07 -9.57
C PHE D 87 12.11 -8.10 -10.70
N TYR D 88 11.49 -9.24 -10.39
CA TYR D 88 11.30 -10.34 -11.37
C TYR D 88 9.86 -10.82 -11.48
N CYS D 89 9.48 -11.25 -12.69
CA CYS D 89 8.20 -11.97 -12.87
C CYS D 89 8.44 -13.46 -13.03
N LEU D 90 7.52 -14.28 -12.55
CA LEU D 90 7.62 -15.74 -12.72
C LEU D 90 6.41 -16.37 -13.44
N GLY D 91 6.67 -17.02 -14.58
CA GLY D 91 5.62 -17.66 -15.35
C GLY D 91 5.37 -19.12 -14.96
N GLY D 92 4.11 -19.55 -15.02
CA GLY D 92 3.75 -20.91 -14.61
C GLY D 92 2.94 -21.56 -15.71
N TYR D 93 3.38 -22.72 -16.19
CA TYR D 93 2.87 -23.29 -17.45
C TYR D 93 2.38 -24.72 -17.37
N ASP D 94 1.71 -25.16 -18.43
CA ASP D 94 1.25 -26.53 -18.55
C ASP D 94 2.42 -27.45 -18.83
N CYS D 95 2.75 -28.31 -17.87
CA CYS D 95 3.92 -29.16 -17.94
C CYS D 95 3.91 -30.18 -19.08
N SER D 96 2.74 -30.36 -19.70
CA SER D 96 2.55 -31.36 -20.74
C SER D 96 2.72 -30.78 -22.16
N SER D 97 2.87 -29.47 -22.26
CA SER D 97 3.04 -28.86 -23.57
C SER D 97 4.28 -27.97 -23.63
N GLY D 98 5.24 -28.25 -22.75
CA GLY D 98 6.49 -27.51 -22.67
C GLY D 98 7.05 -27.56 -21.26
N ASP D 99 7.95 -26.62 -20.92
CA ASP D 99 8.49 -26.53 -19.57
C ASP D 99 7.49 -25.90 -18.59
N CYS D 100 7.60 -26.28 -17.33
CA CYS D 100 6.63 -25.89 -16.31
C CYS D 100 6.70 -24.41 -15.96
N ALA D 101 7.83 -23.76 -16.20
CA ALA D 101 8.03 -22.42 -15.67
C ALA D 101 9.12 -21.61 -16.38
N ALA D 102 9.11 -20.29 -16.16
CA ALA D 102 10.11 -19.38 -16.70
C ALA D 102 10.12 -18.02 -15.99
N PHE D 103 11.33 -17.56 -15.66
CA PHE D 103 11.54 -16.24 -15.07
C PHE D 103 11.71 -15.19 -16.17
N GLY D 104 11.22 -13.98 -15.90
CA GLY D 104 11.51 -12.84 -16.76
C GLY D 104 12.91 -12.32 -16.48
N GLY D 105 13.51 -11.61 -17.43
CA GLY D 105 14.88 -11.11 -17.33
C GLY D 105 15.24 -10.24 -16.14
N GLY D 106 14.24 -9.58 -15.53
CA GLY D 106 14.48 -8.71 -14.40
C GLY D 106 14.46 -7.23 -14.75
N THR D 107 14.33 -6.38 -13.74
CA THR D 107 14.38 -4.93 -13.92
C THR D 107 15.12 -4.36 -12.75
N GLU D 108 16.09 -3.50 -13.01
CA GLU D 108 16.81 -2.85 -11.92
C GLU D 108 16.24 -1.48 -11.55
N VAL D 109 15.62 -1.38 -10.38
CA VAL D 109 14.96 -0.13 -9.97
C VAL D 109 15.81 0.72 -9.03
N VAL D 110 16.26 1.89 -9.52
CA VAL D 110 16.99 2.88 -8.71
C VAL D 110 16.07 4.04 -8.25
N VAL D 111 16.02 4.32 -6.95
CA VAL D 111 15.09 5.33 -6.40
C VAL D 111 15.83 6.61 -6.05
N ARG D 112 15.41 7.74 -6.62
CA ARG D 112 16.12 9.00 -6.34
C ARG D 112 15.60 9.72 -5.08
N GLY D 113 16.49 10.00 -4.14
CA GLY D 113 16.13 10.68 -2.90
C GLY D 113 16.72 12.07 -2.83
N ASP D 114 16.69 12.70 -1.65
CA ASP D 114 17.30 14.03 -1.50
C ASP D 114 18.81 13.97 -1.70
N PRO D 115 19.38 14.99 -2.33
CA PRO D 115 20.83 14.94 -2.55
C PRO D 115 21.59 15.11 -1.25
N VAL D 116 22.72 14.41 -1.14
CA VAL D 116 23.57 14.47 0.04
C VAL D 116 25.03 14.37 -0.42
N ALA D 117 25.85 15.32 0.03
CA ALA D 117 27.26 15.33 -0.35
C ALA D 117 28.07 14.30 0.43
N PRO D 118 29.09 13.75 -0.22
CA PRO D 118 30.02 12.78 0.40
C PRO D 118 30.89 13.37 1.49
N THR D 119 31.28 12.53 2.44
CA THR D 119 32.43 12.76 3.29
C THR D 119 33.45 11.75 2.83
N VAL D 120 34.73 12.07 2.86
CA VAL D 120 35.71 11.21 2.21
C VAL D 120 36.83 10.79 3.15
N LEU D 121 37.17 9.50 3.09
CA LEU D 121 38.25 8.93 3.88
C LEU D 121 39.29 8.25 2.99
N ILE D 122 40.55 8.27 3.42
CA ILE D 122 41.62 7.61 2.71
C ILE D 122 42.60 6.89 3.66
N PHE D 123 42.83 5.62 3.36
CA PHE D 123 43.60 4.76 4.23
C PHE D 123 44.92 4.37 3.57
N PRO D 124 46.03 4.71 4.23
CA PRO D 124 47.39 4.39 3.78
C PRO D 124 47.62 2.89 3.86
N PRO D 125 48.51 2.36 3.01
CA PRO D 125 48.80 0.92 3.01
C PRO D 125 49.32 0.47 4.38
N ALA D 126 48.89 -0.68 4.85
CA ALA D 126 49.48 -1.27 6.04
C ALA D 126 50.96 -1.57 5.75
N ALA D 127 51.77 -1.66 6.79
CA ALA D 127 53.22 -1.78 6.62
C ALA D 127 53.66 -3.10 6.00
N ASP D 128 53.05 -4.21 6.42
CA ASP D 128 53.43 -5.51 5.88
C ASP D 128 53.01 -5.67 4.44
N GLN D 129 52.22 -4.73 3.94
CA GLN D 129 51.69 -4.85 2.61
C GLN D 129 52.74 -4.52 1.54
N VAL D 130 53.62 -3.57 1.85
CA VAL D 130 54.68 -3.19 0.93
C VAL D 130 55.63 -4.36 0.74
N ALA D 131 55.86 -5.08 1.84
CA ALA D 131 56.71 -6.26 1.87
C ALA D 131 56.41 -7.21 0.73
N THR D 132 55.13 -7.38 0.42
CA THR D 132 54.66 -8.28 -0.63
C THR D 132 55.04 -7.85 -2.04
N GLY D 133 55.43 -6.59 -2.22
CA GLY D 133 55.74 -6.09 -3.55
C GLY D 133 54.60 -5.29 -4.14
N THR D 134 53.37 -5.55 -3.69
CA THR D 134 52.18 -4.84 -4.19
C THR D 134 51.43 -4.07 -3.10
N VAL D 135 51.13 -2.81 -3.39
CA VAL D 135 50.50 -1.89 -2.43
C VAL D 135 49.09 -1.47 -2.85
N THR D 136 48.15 -1.51 -1.90
CA THR D 136 46.75 -1.16 -2.16
C THR D 136 46.27 0.02 -1.31
N ILE D 137 46.05 1.17 -1.94
CA ILE D 137 45.51 2.34 -1.26
C ILE D 137 43.99 2.38 -1.37
N VAL D 138 43.31 2.60 -0.25
CA VAL D 138 41.86 2.57 -0.23
C VAL D 138 41.24 3.91 0.11
N CYS D 139 40.33 4.35 -0.75
CA CYS D 139 39.58 5.58 -0.51
C CYS D 139 38.10 5.22 -0.35
N VAL D 140 37.37 5.97 0.48
CA VAL D 140 35.96 5.68 0.72
C VAL D 140 35.05 6.92 0.75
N ALA D 141 34.11 6.99 -0.20
CA ALA D 141 33.08 8.03 -0.20
C ALA D 141 31.89 7.57 0.62
N ASN D 142 31.52 8.33 1.65
CA ASN D 142 30.46 7.91 2.60
C ASN D 142 29.11 8.60 2.42
N LYS D 143 28.05 7.82 2.53
CA LYS D 143 26.66 8.29 2.68
C LYS D 143 26.30 9.46 1.78
N TYR D 144 26.06 9.19 0.50
CA TYR D 144 25.99 10.24 -0.51
C TYR D 144 24.98 9.99 -1.64
N PHE D 145 24.49 11.05 -2.27
CA PHE D 145 23.59 10.94 -3.42
C PHE D 145 23.43 12.31 -4.09
N PRO D 146 23.47 12.35 -5.43
CA PRO D 146 23.54 11.20 -6.34
C PRO D 146 24.97 10.78 -6.62
N ASP D 147 25.17 10.02 -7.70
CA ASP D 147 26.44 9.34 -7.95
C ASP D 147 27.62 10.29 -8.00
N VAL D 148 28.76 9.81 -7.50
CA VAL D 148 30.01 10.57 -7.57
C VAL D 148 30.91 10.00 -8.65
N THR D 149 32.04 10.67 -8.86
CA THR D 149 33.10 10.17 -9.72
C THR D 149 34.40 10.32 -8.94
N VAL D 150 35.28 9.37 -9.04
CA VAL D 150 36.50 9.41 -8.23
C VAL D 150 37.72 9.75 -9.08
N THR D 151 38.63 10.54 -8.51
CA THR D 151 39.81 10.96 -9.22
C THR D 151 41.07 10.71 -8.40
N TRP D 152 42.02 10.01 -8.99
CA TRP D 152 43.29 9.72 -8.33
C TRP D 152 44.41 10.63 -8.82
N GLU D 153 45.20 11.17 -7.88
CA GLU D 153 46.24 12.14 -8.20
C GLU D 153 47.51 11.92 -7.39
N VAL D 154 48.55 11.44 -8.06
CA VAL D 154 49.81 11.09 -7.41
C VAL D 154 50.91 12.12 -7.71
N ASP D 155 51.16 13.01 -6.76
CA ASP D 155 52.11 14.11 -6.93
C ASP D 155 51.71 15.02 -8.09
N GLY D 156 50.41 15.20 -8.26
CA GLY D 156 49.89 15.99 -9.36
C GLY D 156 49.46 15.12 -10.53
N THR D 157 50.22 14.07 -10.80
CA THR D 157 49.93 13.15 -11.91
C THR D 157 48.57 12.46 -11.74
N THR D 158 47.72 12.56 -12.76
CA THR D 158 46.46 11.84 -12.74
C THR D 158 46.71 10.38 -13.07
N GLN D 159 46.13 9.48 -12.28
CA GLN D 159 46.24 8.05 -12.58
C GLN D 159 45.11 7.62 -13.51
N THR D 160 45.43 6.68 -14.41
CA THR D 160 44.45 6.08 -15.31
C THR D 160 44.71 4.58 -15.45
N THR D 161 45.20 3.97 -14.38
CA THR D 161 45.44 2.52 -14.34
C THR D 161 45.50 1.96 -12.92
N GLY D 162 44.75 0.88 -12.69
CA GLY D 162 44.78 0.20 -11.41
C GLY D 162 43.74 0.69 -10.41
N ILE D 163 42.62 1.18 -10.92
CA ILE D 163 41.55 1.69 -10.06
C ILE D 163 40.31 0.78 -10.07
N GLU D 164 39.72 0.58 -8.90
CA GLU D 164 38.66 -0.42 -8.73
C GLU D 164 37.56 0.11 -7.81
N ASN D 165 36.39 0.42 -8.37
CA ASN D 165 35.25 0.90 -7.59
C ASN D 165 34.27 -0.19 -7.22
N SER D 166 33.77 -0.15 -6.00
CA SER D 166 32.77 -1.09 -5.52
C SER D 166 31.69 -0.37 -4.71
N LYS D 167 30.49 -0.29 -5.27
CA LYS D 167 29.39 0.48 -4.70
C LYS D 167 28.47 -0.42 -3.89
N THR D 168 27.95 0.10 -2.78
CA THR D 168 26.99 -0.65 -1.97
C THR D 168 25.57 -0.47 -2.51
N PRO D 169 24.61 -1.30 -2.04
CA PRO D 169 23.21 -1.03 -2.40
C PRO D 169 22.74 0.30 -1.85
N GLN D 170 21.62 0.80 -2.35
CA GLN D 170 21.01 2.01 -1.82
C GLN D 170 20.50 1.82 -0.38
N ASN D 171 20.64 2.86 0.42
CA ASN D 171 20.21 2.79 1.81
C ASN D 171 18.68 2.79 1.93
N SER D 172 18.14 1.85 2.68
CA SER D 172 16.70 1.69 2.76
C SER D 172 16.01 2.84 3.48
N ALA D 173 16.78 3.81 3.96
CA ALA D 173 16.21 4.91 4.73
C ALA D 173 16.32 6.26 4.03
N ASP D 174 17.41 6.47 3.29
CA ASP D 174 17.61 7.77 2.62
C ASP D 174 18.16 7.68 1.20
N CYS D 175 18.18 6.48 0.63
CA CYS D 175 18.62 6.25 -0.74
C CYS D 175 20.11 6.51 -1.00
N THR D 176 20.93 6.61 0.03
CA THR D 176 22.33 6.97 -0.16
C THR D 176 23.23 5.79 -0.49
N TYR D 177 24.26 6.04 -1.32
CA TYR D 177 25.29 5.06 -1.66
C TYR D 177 26.51 5.15 -0.74
N ASN D 178 27.34 4.12 -0.79
CA ASN D 178 28.71 4.16 -0.26
C ASN D 178 29.64 3.58 -1.32
N LEU D 179 30.84 4.13 -1.43
CA LEU D 179 31.79 3.63 -2.43
C LEU D 179 33.18 3.51 -1.86
N SER D 180 33.84 2.41 -2.19
CA SER D 180 35.27 2.35 -2.02
C SER D 180 35.91 2.49 -3.40
N SER D 181 37.05 3.17 -3.45
CA SER D 181 37.92 3.09 -4.62
C SER D 181 39.30 2.67 -4.14
N THR D 182 39.89 1.71 -4.84
CA THR D 182 41.18 1.17 -4.47
C THR D 182 42.22 1.40 -5.57
N LEU D 183 43.31 2.06 -5.22
CA LEU D 183 44.43 2.25 -6.13
C LEU D 183 45.51 1.25 -5.79
N THR D 184 46.00 0.54 -6.80
CA THR D 184 46.95 -0.56 -6.62
C THR D 184 48.27 -0.35 -7.37
N LEU D 185 49.39 -0.48 -6.65
CA LEU D 185 50.71 -0.14 -7.20
C LEU D 185 51.81 -1.09 -6.72
N THR D 186 52.85 -1.22 -7.55
CA THR D 186 54.04 -1.94 -7.15
C THR D 186 54.68 -1.14 -6.02
N SER D 187 55.40 -1.81 -5.13
CA SER D 187 56.08 -1.11 -4.03
C SER D 187 57.05 -0.04 -4.56
N THR D 188 57.78 -0.43 -5.61
CA THR D 188 58.70 0.46 -6.32
C THR D 188 58.05 1.80 -6.63
N GLN D 189 56.95 1.76 -7.35
CA GLN D 189 56.22 2.97 -7.73
C GLN D 189 55.82 3.76 -6.49
N TYR D 190 55.32 3.05 -5.49
CA TYR D 190 54.83 3.68 -4.27
C TYR D 190 55.89 4.53 -3.59
N ASN D 191 57.15 4.07 -3.64
CA ASN D 191 58.24 4.73 -2.92
C ASN D 191 58.89 5.91 -3.66
N SER D 192 58.57 6.11 -4.93
CA SER D 192 59.16 7.20 -5.69
C SER D 192 58.19 8.35 -5.88
N HIS D 193 57.08 8.31 -5.17
CA HIS D 193 56.18 9.45 -5.13
C HIS D 193 55.84 9.81 -3.68
N LYS D 194 55.22 10.97 -3.52
CA LYS D 194 55.00 11.54 -2.19
C LYS D 194 53.52 11.74 -1.88
N GLU D 195 52.88 12.64 -2.61
CA GLU D 195 51.54 13.09 -2.28
C GLU D 195 50.47 12.27 -2.99
N TYR D 196 49.76 11.45 -2.23
CA TYR D 196 48.68 10.63 -2.78
C TYR D 196 47.32 11.25 -2.47
N THR D 197 46.48 11.34 -3.50
CA THR D 197 45.25 12.12 -3.41
C THR D 197 44.03 11.49 -4.10
N CYS D 198 42.95 11.40 -3.34
CA CYS D 198 41.69 10.83 -3.82
C CYS D 198 40.71 11.97 -3.97
N LYS D 199 40.18 12.16 -5.17
CA LYS D 199 39.25 13.25 -5.37
C LYS D 199 37.88 12.69 -5.69
N VAL D 200 36.95 12.96 -4.78
CA VAL D 200 35.57 12.55 -4.96
C VAL D 200 34.75 13.76 -5.38
N THR D 201 34.14 13.68 -6.55
CA THR D 201 33.44 14.82 -7.10
C THR D 201 31.99 14.49 -7.40
N GLN D 202 31.11 15.45 -7.17
CA GLN D 202 29.67 15.26 -7.29
C GLN D 202 29.06 16.50 -7.93
N GLY D 203 28.87 16.46 -9.25
CA GLY D 203 28.46 17.65 -9.99
C GLY D 203 29.64 18.58 -10.23
N THR D 204 29.64 19.72 -9.53
CA THR D 204 30.73 20.68 -9.63
C THR D 204 31.55 20.72 -8.34
N THR D 205 30.93 20.28 -7.24
CA THR D 205 31.55 20.33 -5.93
C THR D 205 32.29 19.06 -5.56
N SER D 206 33.57 19.20 -5.22
CA SER D 206 34.43 18.05 -4.90
C SER D 206 34.91 18.08 -3.45
N VAL D 207 35.03 16.91 -2.84
CA VAL D 207 35.66 16.78 -1.52
C VAL D 207 36.96 15.99 -1.69
N VAL D 208 38.04 16.44 -1.02
CA VAL D 208 39.37 15.90 -1.29
C VAL D 208 40.19 15.53 -0.03
N GLN D 209 40.84 14.37 -0.09
CA GLN D 209 41.69 13.89 0.99
C GLN D 209 43.03 13.36 0.46
N SER D 210 44.11 13.69 1.16
CA SER D 210 45.44 13.29 0.74
C SER D 210 46.27 12.80 1.91
N PHE D 211 47.41 12.19 1.61
CA PHE D 211 48.40 11.87 2.62
C PHE D 211 49.76 11.73 1.96
N ASN D 212 50.79 12.31 2.55
CA ASN D 212 52.14 12.15 2.04
C ASN D 212 52.68 10.81 2.49
N ARG D 213 53.34 10.10 1.58
CA ARG D 213 53.79 8.72 1.83
C ARG D 213 54.51 8.55 3.16
N GLY D 214 55.31 9.52 3.55
CA GLY D 214 56.13 9.39 4.74
C GLY D 214 55.53 9.84 6.08
N ASP D 215 54.26 10.26 6.08
CA ASP D 215 53.64 10.75 7.31
C ASP D 215 52.91 9.65 8.07
N CYS D 216 52.85 8.47 7.46
CA CYS D 216 52.05 7.38 8.02
C CYS D 216 52.93 6.26 8.55
N GLN E 1 9.81 -23.02 10.45
CA GLN E 1 9.26 -22.65 9.15
C GLN E 1 10.30 -21.87 8.34
N SER E 2 11.40 -22.56 8.01
CA SER E 2 12.48 -21.99 7.23
C SER E 2 13.18 -23.02 6.32
N LEU E 3 14.10 -22.55 5.49
CA LEU E 3 14.93 -23.44 4.68
C LEU E 3 16.42 -23.09 4.77
N GLU E 4 17.27 -24.10 4.71
CA GLU E 4 18.70 -23.88 4.58
C GLU E 4 19.31 -24.83 3.57
N GLU E 5 19.98 -24.29 2.57
CA GLU E 5 20.72 -25.09 1.61
C GLU E 5 22.18 -25.22 2.03
N SER E 6 22.78 -26.38 1.80
CA SER E 6 24.20 -26.58 2.08
C SER E 6 24.84 -27.36 0.94
N GLY E 7 26.18 -27.36 0.86
CA GLY E 7 26.89 -28.17 -0.12
C GLY E 7 27.78 -27.40 -1.09
N GLY E 8 27.56 -26.09 -1.16
CA GLY E 8 28.28 -25.27 -2.11
C GLY E 8 29.78 -25.29 -1.91
N ASP E 9 30.53 -25.35 -3.02
CA ASP E 9 31.99 -25.42 -2.96
C ASP E 9 32.65 -25.09 -4.31
N LEU E 10 33.97 -25.07 -4.33
CA LEU E 10 34.73 -24.93 -5.58
C LEU E 10 35.01 -26.33 -6.12
N VAL E 11 34.61 -26.58 -7.36
CA VAL E 11 34.79 -27.88 -8.01
C VAL E 11 35.34 -27.68 -9.42
N GLN E 12 35.58 -28.78 -10.12
CA GLN E 12 36.35 -28.74 -11.35
C GLN E 12 35.50 -29.19 -12.52
N PRO E 13 35.78 -28.63 -13.73
CA PRO E 13 35.04 -29.00 -14.95
C PRO E 13 34.98 -30.51 -15.08
N GLY E 14 33.77 -31.06 -15.21
CA GLY E 14 33.59 -32.51 -15.28
C GLY E 14 33.10 -33.17 -14.00
N ALA E 15 33.14 -32.46 -12.88
CA ALA E 15 32.83 -33.09 -11.59
C ALA E 15 31.33 -33.24 -11.30
N SER E 16 31.02 -33.86 -10.16
CA SER E 16 29.64 -33.90 -9.68
C SER E 16 29.60 -33.27 -8.29
N LEU E 17 28.41 -32.90 -7.84
CA LEU E 17 28.23 -32.23 -6.57
C LEU E 17 26.78 -32.38 -6.16
N THR E 18 26.55 -32.63 -4.88
CA THR E 18 25.22 -32.87 -4.36
C THR E 18 24.89 -31.82 -3.28
N LEU E 19 23.83 -31.05 -3.50
CA LEU E 19 23.42 -30.03 -2.52
C LEU E 19 22.20 -30.56 -1.78
N THR E 20 21.98 -30.04 -0.58
CA THR E 20 20.89 -30.48 0.28
C THR E 20 20.06 -29.29 0.69
N CYS E 21 18.74 -29.44 0.66
CA CYS E 21 17.84 -28.41 1.17
C CYS E 21 17.22 -28.93 2.48
N LYS E 22 17.38 -28.18 3.56
CA LYS E 22 16.95 -28.64 4.87
C LYS E 22 15.74 -27.86 5.36
N ALA E 23 14.71 -28.56 5.80
CA ALA E 23 13.48 -27.90 6.24
C ALA E 23 13.40 -27.93 7.75
N SER E 24 12.92 -26.85 8.35
CA SER E 24 12.67 -26.82 9.79
C SER E 24 11.30 -26.20 10.01
N GLY E 25 10.57 -26.72 10.99
CA GLY E 25 9.27 -26.18 11.34
C GLY E 25 8.12 -26.75 10.55
N PHE E 26 8.45 -27.66 9.64
CA PHE E 26 7.44 -28.40 8.87
C PHE E 26 8.07 -29.67 8.30
N SER E 27 7.27 -30.49 7.62
CA SER E 27 7.81 -31.75 7.11
C SER E 27 7.28 -32.08 5.72
N PHE E 28 8.08 -32.82 4.96
CA PHE E 28 7.73 -33.15 3.59
C PHE E 28 6.67 -34.25 3.51
N GLY E 29 5.91 -34.39 4.60
CA GLY E 29 4.80 -35.32 4.68
C GLY E 29 3.55 -34.69 4.09
N ASN E 30 3.44 -33.36 4.21
CA ASN E 30 2.37 -32.63 3.55
C ASN E 30 2.76 -32.19 2.14
N ASN E 31 1.79 -31.64 1.41
CA ASN E 31 1.91 -31.39 -0.01
C ASN E 31 2.48 -30.01 -0.31
N TYR E 32 3.66 -30.00 -0.92
CA TYR E 32 4.33 -28.75 -1.31
C TYR E 32 5.01 -28.96 -2.65
N ASP E 33 5.45 -27.86 -3.25
CA ASP E 33 6.27 -27.93 -4.46
C ASP E 33 7.67 -27.44 -4.11
N MET E 34 8.60 -28.39 -3.88
CA MET E 34 9.98 -28.03 -3.54
C MET E 34 10.84 -27.85 -4.81
N CYS E 35 11.28 -26.60 -5.02
CA CYS E 35 11.96 -26.25 -6.24
C CYS E 35 13.34 -25.64 -6.02
N TRP E 36 14.22 -25.85 -7.00
CA TRP E 36 15.57 -25.31 -6.97
C TRP E 36 15.72 -24.25 -8.06
N VAL E 37 16.38 -23.17 -7.69
CA VAL E 37 16.51 -21.97 -8.53
C VAL E 37 17.94 -21.43 -8.42
N ARG E 38 18.55 -21.08 -9.54
CA ARG E 38 19.93 -20.65 -9.49
C ARG E 38 20.13 -19.26 -10.04
N GLN E 39 21.19 -18.58 -9.59
CA GLN E 39 21.51 -17.23 -10.05
C GLN E 39 23.01 -17.07 -10.29
N ALA E 40 23.42 -16.97 -11.55
CA ALA E 40 24.82 -16.69 -11.89
C ALA E 40 25.21 -15.26 -11.43
N PRO E 41 26.49 -15.05 -11.07
CA PRO E 41 26.93 -13.76 -10.54
C PRO E 41 26.49 -12.59 -11.40
N GLY E 42 25.79 -11.65 -10.78
CA GLY E 42 25.26 -10.49 -11.47
C GLY E 42 24.20 -10.74 -12.54
N LYS E 43 23.65 -11.96 -12.57
CA LYS E 43 22.66 -12.30 -13.59
C LYS E 43 21.28 -12.63 -13.00
N GLY E 44 20.38 -13.07 -13.86
CA GLY E 44 18.99 -13.31 -13.48
C GLY E 44 18.70 -14.61 -12.75
N LEU E 45 17.44 -14.81 -12.41
CA LEU E 45 17.04 -16.05 -11.80
C LEU E 45 16.75 -17.01 -12.93
N GLU E 46 17.04 -18.29 -12.68
CA GLU E 46 16.81 -19.35 -13.66
C GLU E 46 16.28 -20.59 -12.95
N TRP E 47 15.11 -21.07 -13.38
CA TRP E 47 14.51 -22.25 -12.75
C TRP E 47 15.17 -23.54 -13.24
N ILE E 48 15.45 -24.44 -12.30
CA ILE E 48 16.05 -25.76 -12.55
C ILE E 48 15.06 -26.94 -12.48
N GLY E 49 14.32 -27.04 -11.38
CA GLY E 49 13.47 -28.20 -11.16
C GLY E 49 12.58 -28.14 -9.93
N CYS E 50 11.63 -29.08 -9.87
CA CYS E 50 10.72 -29.22 -8.75
C CYS E 50 10.47 -30.68 -8.40
N ILE E 51 10.08 -30.93 -7.15
CA ILE E 51 9.54 -32.22 -6.72
C ILE E 51 8.31 -31.97 -5.82
N GLU E 52 7.18 -32.56 -6.17
CA GLU E 52 6.02 -32.50 -5.30
C GLU E 52 6.21 -33.46 -4.13
N THR E 53 5.64 -33.13 -2.99
CA THR E 53 5.84 -33.95 -1.80
C THR E 53 4.52 -34.33 -1.13
N GLY E 54 4.61 -35.29 -0.22
CA GLY E 54 3.45 -35.78 0.48
C GLY E 54 2.45 -36.51 -0.39
N SER E 55 1.38 -35.80 -0.77
CA SER E 55 0.22 -36.39 -1.45
C SER E 55 0.50 -36.78 -2.89
N SER E 56 1.43 -36.11 -3.54
CA SER E 56 1.97 -36.68 -4.77
C SER E 56 3.49 -36.54 -4.83
N ASP E 57 4.09 -36.88 -5.97
CA ASP E 57 5.53 -37.06 -6.02
C ASP E 57 6.15 -36.93 -7.40
N SER E 58 5.69 -35.97 -8.19
CA SER E 58 6.26 -35.78 -9.53
C SER E 58 7.54 -34.92 -9.57
N ALA E 59 8.55 -35.44 -10.25
CA ALA E 59 9.74 -34.68 -10.57
C ALA E 59 9.57 -34.06 -11.95
N ALA E 60 9.97 -32.81 -12.10
CA ALA E 60 9.95 -32.13 -13.40
C ALA E 60 11.17 -31.21 -13.53
N TYR E 61 11.53 -30.89 -14.76
CA TYR E 61 12.82 -30.24 -15.01
C TYR E 61 12.75 -29.25 -16.15
N ALA E 62 13.56 -28.20 -16.08
CA ALA E 62 13.83 -27.38 -17.25
C ALA E 62 14.60 -28.22 -18.27
N THR E 63 14.29 -27.98 -19.53
CA THR E 63 14.86 -28.70 -20.66
C THR E 63 16.38 -28.90 -20.56
N TRP E 64 17.11 -27.84 -20.22
CA TRP E 64 18.57 -27.89 -20.18
C TRP E 64 19.11 -28.74 -19.04
N ALA E 65 18.30 -28.94 -17.99
CA ALA E 65 18.73 -29.67 -16.78
C ALA E 65 18.32 -31.13 -16.86
N LYS E 66 17.19 -31.35 -17.53
CA LYS E 66 16.61 -32.65 -17.70
C LYS E 66 17.67 -33.65 -18.18
N GLY E 67 17.95 -34.65 -17.37
CA GLY E 67 18.89 -35.69 -17.74
C GLY E 67 20.23 -35.54 -17.06
N ARG E 68 20.64 -34.30 -16.80
CA ARG E 68 21.87 -34.04 -16.04
C ARG E 68 21.69 -33.95 -14.51
N PHE E 69 20.54 -33.45 -14.06
CA PHE E 69 20.30 -33.19 -12.64
C PHE E 69 19.18 -34.09 -12.10
N THR E 70 19.31 -34.54 -10.86
CA THR E 70 18.15 -35.13 -10.21
C THR E 70 17.77 -34.34 -8.97
N ILE E 71 16.47 -34.37 -8.66
CA ILE E 71 15.93 -33.80 -7.42
C ILE E 71 15.05 -34.83 -6.69
N SER E 72 15.41 -35.17 -5.47
CA SER E 72 14.69 -36.22 -4.73
C SER E 72 14.53 -35.92 -3.25
N LYS E 73 13.41 -36.38 -2.69
CA LYS E 73 13.20 -36.34 -1.25
C LYS E 73 14.09 -37.38 -0.63
N THR E 74 14.93 -37.00 0.33
CA THR E 74 15.78 -37.99 0.99
C THR E 74 15.39 -38.32 2.44
N SER E 75 14.52 -37.49 3.03
CA SER E 75 13.91 -37.78 4.32
C SER E 75 12.73 -36.87 4.48
N SER E 76 12.16 -36.83 5.68
CA SER E 76 11.01 -35.98 5.94
C SER E 76 11.34 -34.48 5.98
N THR E 77 12.59 -34.13 6.23
CA THR E 77 12.99 -32.73 6.32
C THR E 77 14.07 -32.30 5.31
N THR E 78 14.50 -33.19 4.44
CA THR E 78 15.64 -32.86 3.56
C THR E 78 15.42 -33.19 2.08
N VAL E 79 15.92 -32.32 1.19
CA VAL E 79 15.80 -32.57 -0.26
C VAL E 79 17.11 -32.30 -1.01
N THR E 80 17.51 -33.23 -1.87
CA THR E 80 18.77 -33.06 -2.59
C THR E 80 18.60 -32.48 -4.01
N LEU E 81 19.67 -31.85 -4.50
CA LEU E 81 19.83 -31.55 -5.92
C LEU E 81 21.15 -32.16 -6.39
N GLN E 82 21.08 -33.21 -7.21
CA GLN E 82 22.30 -33.90 -7.67
C GLN E 82 22.73 -33.40 -9.05
N MET E 83 23.96 -32.93 -9.17
CA MET E 83 24.44 -32.35 -10.44
C MET E 83 25.58 -33.18 -11.01
N THR E 84 25.54 -33.45 -12.32
CA THR E 84 26.67 -34.13 -13.00
C THR E 84 27.28 -33.26 -14.09
N SER E 85 28.51 -33.59 -14.49
CA SER E 85 29.17 -32.94 -15.63
C SER E 85 29.27 -31.43 -15.51
N LEU E 86 29.74 -30.95 -14.37
CA LEU E 86 29.75 -29.51 -14.11
C LEU E 86 30.68 -28.76 -15.03
N THR E 87 30.26 -27.57 -15.43
CA THR E 87 31.09 -26.68 -16.23
C THR E 87 30.97 -25.25 -15.70
N ALA E 88 31.74 -24.36 -16.31
CA ALA E 88 31.80 -22.98 -15.88
C ALA E 88 30.42 -22.33 -15.88
N ALA E 89 29.61 -22.71 -16.87
CA ALA E 89 28.26 -22.17 -17.01
C ALA E 89 27.31 -22.55 -15.86
N ASP E 90 27.70 -23.54 -15.05
CA ASP E 90 26.89 -23.97 -13.91
C ASP E 90 27.22 -23.19 -12.64
N THR E 91 28.16 -22.26 -12.76
CA THR E 91 28.61 -21.51 -11.59
C THR E 91 27.51 -20.55 -11.20
N ALA E 92 27.07 -20.61 -9.94
CA ALA E 92 25.96 -19.77 -9.47
C ALA E 92 25.72 -19.93 -8.00
N THR E 93 24.81 -19.11 -7.48
CA THR E 93 24.21 -19.32 -6.17
C THR E 93 22.92 -20.09 -6.35
N TYR E 94 22.76 -21.14 -5.55
CA TYR E 94 21.59 -22.02 -5.64
C TYR E 94 20.62 -21.87 -4.47
N PHE E 95 19.34 -21.63 -4.77
CA PHE E 95 18.30 -21.59 -3.73
C PHE E 95 17.30 -22.77 -3.83
N CYS E 96 16.74 -23.17 -2.69
CA CYS E 96 15.57 -24.04 -2.70
C CYS E 96 14.38 -23.28 -2.11
N ALA E 97 13.18 -23.57 -2.58
CA ALA E 97 12.00 -22.82 -2.17
C ALA E 97 10.78 -23.71 -2.00
N ARG E 98 9.82 -23.22 -1.22
CA ARG E 98 8.58 -23.96 -0.96
C ARG E 98 7.35 -23.22 -1.51
N ASN E 99 6.87 -23.65 -2.67
CA ASN E 99 5.86 -22.93 -3.46
C ASN E 99 6.34 -21.55 -3.91
N PHE E 100 7.66 -21.40 -4.06
CA PHE E 100 8.28 -20.11 -4.42
C PHE E 100 7.92 -18.98 -3.47
N ASP E 101 7.60 -19.37 -2.24
CA ASP E 101 7.12 -18.46 -1.19
C ASP E 101 8.13 -18.44 -0.05
N LEU E 102 8.42 -19.60 0.51
CA LEU E 102 9.53 -19.74 1.47
C LEU E 102 10.82 -19.95 0.71
N TRP E 103 11.88 -19.28 1.14
CA TRP E 103 13.16 -19.35 0.45
C TRP E 103 14.27 -19.49 1.47
N GLY E 104 15.29 -20.25 1.11
CA GLY E 104 16.51 -20.30 1.89
C GLY E 104 17.45 -19.19 1.45
N PRO E 105 18.55 -18.99 2.20
CA PRO E 105 19.55 -17.94 1.92
C PRO E 105 20.46 -18.27 0.72
N GLY E 106 20.47 -19.53 0.29
CA GLY E 106 21.26 -19.90 -0.86
C GLY E 106 22.60 -20.51 -0.50
N THR E 107 23.17 -21.25 -1.44
CA THR E 107 24.50 -21.82 -1.25
C THR E 107 25.28 -21.66 -2.56
N LEU E 108 26.59 -21.43 -2.46
CA LEU E 108 27.34 -20.92 -3.61
C LEU E 108 28.24 -21.96 -4.26
N VAL E 109 28.25 -21.98 -5.59
CA VAL E 109 29.00 -22.97 -6.37
C VAL E 109 29.83 -22.31 -7.46
N ILE E 110 31.09 -22.72 -7.54
CA ILE E 110 32.00 -22.19 -8.54
C ILE E 110 32.71 -23.34 -9.24
N VAL E 111 32.57 -23.43 -10.55
CA VAL E 111 33.27 -24.44 -11.30
C VAL E 111 34.49 -23.83 -11.96
N SER E 112 35.67 -24.15 -11.43
CA SER E 112 36.93 -23.65 -11.95
C SER E 112 38.06 -24.66 -11.80
N SER E 113 39.08 -24.49 -12.65
CA SER E 113 40.28 -25.32 -12.58
C SER E 113 41.17 -24.81 -11.47
N GLY E 114 41.11 -23.50 -11.24
CA GLY E 114 41.93 -22.83 -10.26
C GLY E 114 41.94 -23.46 -8.87
N GLN E 115 43.13 -23.48 -8.27
CA GLN E 115 43.32 -24.00 -6.92
C GLN E 115 42.84 -22.97 -5.89
N PRO E 116 42.14 -23.41 -4.84
CA PRO E 116 41.64 -22.46 -3.83
C PRO E 116 42.79 -21.68 -3.20
N LYS E 117 42.44 -20.65 -2.44
CA LYS E 117 43.45 -19.82 -1.79
C LYS E 117 42.81 -18.91 -0.76
N ALA E 118 43.35 -18.93 0.45
CA ALA E 118 42.87 -18.09 1.53
C ALA E 118 43.25 -16.62 1.29
N PRO E 119 42.51 -15.68 1.89
CA PRO E 119 42.80 -14.25 1.70
C PRO E 119 43.91 -13.75 2.61
N SER E 120 44.43 -12.56 2.32
CA SER E 120 45.32 -11.88 3.23
C SER E 120 44.56 -10.70 3.84
N VAL E 121 44.67 -10.54 5.15
CA VAL E 121 43.98 -9.47 5.88
C VAL E 121 44.90 -8.32 6.32
N PHE E 122 44.51 -7.08 6.02
CA PHE E 122 45.30 -5.89 6.36
C PHE E 122 44.50 -4.81 7.10
N PRO E 123 45.08 -4.23 8.18
CA PRO E 123 44.41 -3.13 8.88
C PRO E 123 44.37 -1.85 8.04
N LEU E 124 43.27 -1.12 8.17
CA LEU E 124 43.06 0.14 7.49
C LEU E 124 42.82 1.22 8.56
N ALA E 125 43.74 2.18 8.63
CA ALA E 125 43.67 3.20 9.67
C ALA E 125 44.04 4.56 9.11
N PRO E 126 43.40 5.63 9.63
CA PRO E 126 43.68 6.98 9.15
C PRO E 126 45.11 7.43 9.45
N CYS E 127 45.69 8.16 8.51
CA CYS E 127 47.03 8.72 8.66
C CYS E 127 46.99 10.14 9.20
N SER E 134 34.45 14.58 16.64
CA SER E 134 33.92 13.84 15.50
C SER E 134 33.94 12.33 15.71
N THR E 135 34.30 11.59 14.66
CA THR E 135 34.20 10.12 14.66
C THR E 135 35.25 9.46 13.74
N VAL E 136 36.00 8.52 14.30
CA VAL E 136 37.11 7.88 13.57
C VAL E 136 36.70 6.55 12.94
N THR E 137 37.21 6.30 11.74
CA THR E 137 36.82 5.10 11.00
C THR E 137 38.01 4.14 10.84
N LEU E 138 37.78 2.87 11.15
CA LEU E 138 38.79 1.83 11.02
C LEU E 138 38.29 0.69 10.12
N GLY E 139 39.20 -0.09 9.54
CA GLY E 139 38.79 -1.16 8.65
C GLY E 139 39.78 -2.27 8.35
N CYS E 140 39.36 -3.21 7.51
CA CYS E 140 40.22 -4.30 7.04
C CYS E 140 40.08 -4.53 5.53
N LEU E 141 41.22 -4.53 4.84
CA LEU E 141 41.27 -4.94 3.44
C LEU E 141 41.38 -6.46 3.35
N VAL E 142 40.46 -7.11 2.64
CA VAL E 142 40.51 -8.56 2.49
C VAL E 142 40.70 -8.96 1.02
N LYS E 143 41.91 -9.37 0.66
CA LYS E 143 42.24 -9.60 -0.75
C LYS E 143 42.83 -10.96 -1.12
N GLY E 144 42.64 -11.34 -2.38
CA GLY E 144 43.28 -12.50 -2.98
C GLY E 144 42.79 -13.84 -2.48
N TYR E 145 41.53 -14.15 -2.78
CA TYR E 145 40.97 -15.41 -2.29
C TYR E 145 40.08 -16.12 -3.31
N LEU E 146 40.01 -17.45 -3.17
CA LEU E 146 39.18 -18.29 -4.02
C LEU E 146 38.59 -19.41 -3.19
N PRO E 147 37.25 -19.59 -3.28
CA PRO E 147 36.32 -18.68 -3.96
C PRO E 147 35.57 -17.85 -2.95
N GLU E 148 34.52 -17.19 -3.43
CA GLU E 148 33.50 -16.61 -2.58
C GLU E 148 32.82 -17.74 -1.84
N PRO E 149 32.25 -17.44 -0.66
CA PRO E 149 32.27 -16.12 -0.05
C PRO E 149 33.27 -16.05 1.08
N VAL E 150 33.51 -14.82 1.52
CA VAL E 150 34.22 -14.63 2.77
C VAL E 150 33.22 -13.92 3.70
N THR E 151 33.20 -14.29 4.98
CA THR E 151 32.27 -13.63 5.90
C THR E 151 33.04 -12.90 6.98
N VAL E 152 32.86 -11.59 7.01
CA VAL E 152 33.59 -10.73 7.92
C VAL E 152 32.72 -10.27 9.08
N THR E 153 33.24 -10.37 10.30
CA THR E 153 32.56 -9.76 11.44
C THR E 153 33.53 -8.97 12.31
N TRP E 154 32.98 -8.14 13.18
CA TRP E 154 33.78 -7.36 14.11
C TRP E 154 33.45 -7.74 15.54
N ASN E 155 34.50 -7.95 16.32
CA ASN E 155 34.39 -8.39 17.71
C ASN E 155 33.50 -9.63 17.89
N SER E 156 33.60 -10.55 16.94
CA SER E 156 32.84 -11.80 16.97
C SER E 156 31.32 -11.58 17.07
N GLY E 157 30.84 -10.49 16.47
CA GLY E 157 29.42 -10.17 16.50
C GLY E 157 29.02 -9.11 17.51
N THR E 158 29.95 -8.71 18.36
CA THR E 158 29.70 -7.68 19.37
C THR E 158 29.38 -6.37 18.68
N LEU E 159 30.26 -6.02 17.75
CA LEU E 159 30.24 -4.75 17.03
C LEU E 159 29.57 -4.88 15.68
N THR E 160 28.41 -4.25 15.53
CA THR E 160 27.56 -4.46 14.37
C THR E 160 27.05 -3.15 13.77
N ASN E 161 26.93 -2.13 14.60
CA ASN E 161 26.35 -0.87 14.15
C ASN E 161 27.37 0.07 13.50
N GLY E 162 27.12 0.39 12.24
CA GLY E 162 27.98 1.28 11.48
C GLY E 162 29.02 0.54 10.65
N VAL E 163 28.73 -0.72 10.32
CA VAL E 163 29.67 -1.54 9.55
C VAL E 163 29.35 -1.49 8.07
N ARG E 164 30.34 -1.15 7.24
CA ARG E 164 30.20 -1.27 5.80
C ARG E 164 31.17 -2.27 5.22
N THR E 165 30.64 -3.36 4.71
CA THR E 165 31.44 -4.35 4.03
C THR E 165 31.08 -4.28 2.57
N PHE E 166 32.01 -3.75 1.78
CA PHE E 166 31.80 -3.55 0.35
C PHE E 166 31.65 -4.89 -0.37
N PRO E 167 30.89 -4.90 -1.47
CA PRO E 167 30.73 -6.12 -2.25
C PRO E 167 32.05 -6.54 -2.88
N SER E 168 32.33 -7.85 -2.94
CA SER E 168 33.59 -8.33 -3.47
C SER E 168 33.76 -8.10 -4.96
N VAL E 169 34.99 -7.89 -5.37
CA VAL E 169 35.29 -7.71 -6.77
C VAL E 169 36.32 -8.74 -7.17
N ARG E 170 36.07 -9.43 -8.26
CA ARG E 170 37.02 -10.38 -8.82
C ARG E 170 37.94 -9.63 -9.75
N GLN E 171 39.25 -9.90 -9.66
CA GLN E 171 40.23 -9.22 -10.51
C GLN E 171 40.63 -10.08 -11.71
N SER E 172 41.66 -9.62 -12.43
CA SER E 172 42.17 -10.32 -13.62
C SER E 172 42.66 -11.72 -13.27
N SER E 173 43.30 -11.84 -12.12
CA SER E 173 43.73 -13.12 -11.58
C SER E 173 42.56 -14.11 -11.58
N GLY E 174 41.47 -13.72 -10.93
CA GLY E 174 40.36 -14.63 -10.71
C GLY E 174 40.19 -14.77 -9.22
N LEU E 175 40.82 -13.84 -8.50
CA LEU E 175 40.73 -13.79 -7.05
C LEU E 175 39.86 -12.62 -6.63
N TYR E 176 39.14 -12.81 -5.54
CA TYR E 176 38.18 -11.82 -5.08
C TYR E 176 38.79 -10.90 -4.02
N SER E 177 38.19 -9.71 -3.84
CA SER E 177 38.72 -8.70 -2.95
C SER E 177 37.67 -7.71 -2.43
N LEU E 178 37.71 -7.42 -1.15
CA LEU E 178 36.82 -6.42 -0.56
C LEU E 178 37.44 -5.74 0.66
N SER E 179 36.80 -4.66 1.12
CA SER E 179 37.14 -4.04 2.41
C SER E 179 35.90 -3.87 3.28
N SER E 180 36.12 -3.84 4.59
CA SER E 180 35.06 -3.61 5.54
C SER E 180 35.55 -2.52 6.47
N VAL E 181 34.75 -1.46 6.63
CA VAL E 181 35.08 -0.41 7.57
C VAL E 181 33.98 -0.23 8.60
N VAL E 182 34.33 0.34 9.74
CA VAL E 182 33.36 0.65 10.77
C VAL E 182 33.72 1.93 11.51
N SER E 183 32.72 2.78 11.70
CA SER E 183 32.90 3.98 12.50
C SER E 183 32.79 3.62 13.96
N VAL E 184 33.66 4.22 14.76
CA VAL E 184 33.70 3.95 16.17
C VAL E 184 33.61 5.28 16.94
N THR E 185 32.79 5.31 17.99
CA THR E 185 32.79 6.44 18.90
C THR E 185 34.07 6.43 19.75
N SER E 186 35.16 6.80 19.07
CA SER E 186 36.53 6.66 19.57
C SER E 186 37.13 8.07 19.71
N SER E 187 38.29 8.26 20.36
CA SER E 187 39.22 7.22 20.82
C SER E 187 38.74 6.31 21.96
N SER E 188 38.55 5.04 21.62
CA SER E 188 38.17 4.01 22.58
C SER E 188 39.09 2.81 22.41
N GLN E 189 38.67 1.65 22.92
CA GLN E 189 39.57 0.49 23.00
C GLN E 189 39.49 -0.43 21.78
N PRO E 190 40.67 -0.91 21.32
CA PRO E 190 40.94 -1.72 20.13
C PRO E 190 39.78 -2.56 19.61
N VAL E 191 39.58 -2.49 18.30
CA VAL E 191 38.56 -3.26 17.62
C VAL E 191 39.24 -4.32 16.73
N THR E 192 38.60 -5.47 16.53
CA THR E 192 39.18 -6.56 15.75
C THR E 192 38.24 -7.09 14.66
N CYS E 193 38.78 -7.32 13.47
CA CYS E 193 37.96 -7.91 12.41
C CYS E 193 38.22 -9.42 12.26
N ASN E 194 37.15 -10.21 12.20
CA ASN E 194 37.30 -11.65 11.94
C ASN E 194 36.89 -11.95 10.52
N VAL E 195 37.76 -12.66 9.80
CA VAL E 195 37.60 -12.94 8.38
C VAL E 195 37.61 -14.45 8.18
N ALA E 196 36.46 -15.02 7.80
CA ALA E 196 36.39 -16.47 7.64
C ALA E 196 36.24 -16.90 6.18
N HIS E 197 37.00 -17.91 5.80
CA HIS E 197 36.97 -18.41 4.42
C HIS E 197 36.79 -19.92 4.38
N PRO E 198 35.52 -20.37 4.48
CA PRO E 198 35.10 -21.78 4.54
C PRO E 198 35.79 -22.73 3.56
N ALA E 199 36.13 -22.26 2.38
CA ALA E 199 36.76 -23.12 1.36
C ALA E 199 38.14 -23.67 1.73
N THR E 200 38.97 -22.88 2.39
CA THR E 200 40.29 -23.35 2.79
C THR E 200 40.34 -23.53 4.30
N ASN E 201 39.19 -23.53 4.93
CA ASN E 201 39.06 -23.69 6.37
C ASN E 201 39.78 -22.63 7.21
N THR E 202 40.27 -21.56 6.58
CA THR E 202 41.00 -20.53 7.29
C THR E 202 40.08 -19.55 8.01
N LYS E 203 40.59 -18.95 9.08
CA LYS E 203 39.85 -17.92 9.81
C LYS E 203 40.80 -16.98 10.54
N VAL E 204 40.88 -15.75 10.06
CA VAL E 204 41.85 -14.78 10.53
C VAL E 204 41.24 -13.68 11.40
N ASP E 205 41.94 -13.31 12.48
CA ASP E 205 41.60 -12.11 13.25
C ASP E 205 42.61 -11.00 13.01
N LYS E 206 42.21 -9.75 13.21
CA LYS E 206 43.09 -8.61 13.00
C LYS E 206 42.65 -7.40 13.81
N THR E 207 43.41 -7.07 14.84
CA THR E 207 43.05 -5.94 15.68
C THR E 207 43.60 -4.63 15.11
N VAL E 208 42.70 -3.68 14.82
CA VAL E 208 43.10 -2.37 14.34
C VAL E 208 42.93 -1.34 15.45
N ALA E 209 44.01 -0.66 15.81
CA ALA E 209 43.97 0.26 16.93
C ALA E 209 43.90 1.71 16.47
N PRO E 210 43.00 2.50 17.09
CA PRO E 210 42.85 3.93 16.81
C PRO E 210 44.00 4.77 17.37
N THR F 3 -0.17 -36.15 -13.27
CA THR F 3 -1.23 -35.36 -12.65
C THR F 3 -0.74 -33.96 -12.27
N ARG F 4 0.58 -33.75 -12.24
CA ARG F 4 1.15 -32.42 -12.07
C ARG F 4 0.78 -31.56 -13.27
N LYS F 5 0.07 -30.47 -13.01
CA LYS F 5 -0.36 -29.62 -14.10
C LYS F 5 0.62 -28.47 -14.32
N SER F 6 0.92 -27.73 -13.27
CA SER F 6 1.87 -26.62 -13.41
C SER F 6 2.91 -26.60 -12.29
N ILE F 7 3.30 -25.39 -11.90
CA ILE F 7 4.06 -25.16 -10.70
C ILE F 7 3.14 -24.45 -9.72
N ARG F 8 3.38 -24.62 -8.42
CA ARG F 8 2.52 -24.03 -7.40
C ARG F 8 3.22 -22.85 -6.73
N ILE F 9 2.61 -21.68 -6.82
CA ILE F 9 3.15 -20.45 -6.23
C ILE F 9 2.18 -19.91 -5.18
N GLY F 10 2.70 -19.50 -4.03
CA GLY F 10 1.84 -18.99 -2.97
C GLY F 10 1.21 -20.11 -2.17
N PRO F 11 0.30 -19.76 -1.27
CA PRO F 11 -0.39 -20.66 -0.31
C PRO F 11 -0.96 -21.93 -0.93
N GLY F 12 -0.92 -23.04 -0.18
CA GLY F 12 -1.46 -24.30 -0.66
C GLY F 12 -2.91 -24.54 -0.28
CA CA G . -42.18 10.68 -1.35
CA CA H . -39.40 -5.26 6.82
CA CA I . -49.87 20.72 -7.05
CA CA J . 13.80 -19.70 -15.96
CA CA K . 14.73 -2.53 -21.89
CA CA L . 10.86 -33.30 -16.87
#